data_2DU1
#
_entry.id   2DU1
#
_cell.length_a   157.619
_cell.length_b   90.960
_cell.length_c   73.430
_cell.angle_alpha   90.00
_cell.angle_beta   90.00
_cell.angle_gamma   90.00
#
_symmetry.space_group_name_H-M   'P 21 21 2'
#
loop_
_entity.id
_entity.type
_entity.pdbx_description
1 polymer 'Basic agglutinin'
2 branched alpha-L-fucopyranose-(1-3)-[2-acetamido-2-deoxy-beta-D-glucopyranose-(1-4)]2-acetamido-2-deoxy-beta-D-glucopyranose
3 branched 2-acetamido-2-deoxy-beta-D-glucopyranose-(1-4)-2-acetamido-2-deoxy-beta-D-glucopyranose
4 non-polymer 'methyl 2-acetamido-2-deoxy-alpha-D-galactopyranoside'
5 non-polymer 2-acetamido-2-deoxy-beta-D-glucopyranose
6 non-polymer 'CALCIUM ION'
7 non-polymer 'MANGANESE (II) ION'
8 water water
#
_entity_poly.entity_id   1
_entity_poly.type   'polypeptide(L)'
_entity_poly.pdbx_seq_one_letter_code
;KTISFNFNQFHQNEEQLKLQRDARISSNSVLELTKVVNGVPTWNSTGRALYAKPVQVWDSTTGNVASFETRFSFSIRQPF
PRPHPADGLVFFIAPPNTQTGEGGGYFGIYNPLSPYPFVAVEFDTFRNTWDPQIPHIGIDVNSVISTKTVPFTLDNGGIA
NVVIKYDASTKILHVVLVFPSLGTIYTIADIVDLKQVLPESVNVGFSAATGDPSGKQRNATETHDILSWSFSASLPGTNE
F
;
_entity_poly.pdbx_strand_id   A,B,C,D
#
# COMPACT_ATOMS: atom_id res chain seq x y z
N LYS A 1 -3.72 -20.60 2.25
CA LYS A 1 -4.61 -20.85 3.42
C LYS A 1 -5.91 -20.05 3.32
N THR A 2 -7.01 -20.76 3.09
CA THR A 2 -8.33 -20.15 2.97
C THR A 2 -9.30 -20.88 3.88
N ILE A 3 -9.86 -20.17 4.85
CA ILE A 3 -10.82 -20.77 5.76
C ILE A 3 -12.17 -20.12 5.50
N SER A 4 -13.24 -20.90 5.61
CA SER A 4 -14.56 -20.35 5.37
C SER A 4 -15.71 -21.22 5.86
N PHE A 5 -16.86 -20.60 6.05
CA PHE A 5 -18.05 -21.29 6.49
C PHE A 5 -19.28 -20.50 6.06
N ASN A 6 -20.44 -21.15 6.13
CA ASN A 6 -21.69 -20.53 5.74
C ASN A 6 -22.86 -21.11 6.51
N PHE A 7 -23.77 -20.24 6.95
CA PHE A 7 -24.96 -20.69 7.69
C PHE A 7 -26.17 -20.03 7.05
N ASN A 8 -26.97 -20.81 6.34
CA ASN A 8 -28.17 -20.26 5.72
C ASN A 8 -29.23 -20.09 6.80
N GLN A 9 -28.99 -20.74 7.93
CA GLN A 9 -29.88 -20.67 9.08
C GLN A 9 -29.12 -21.36 10.19
N PHE A 10 -29.66 -21.32 11.40
CA PHE A 10 -29.01 -21.93 12.54
C PHE A 10 -29.86 -23.05 13.16
N HIS A 11 -29.20 -24.06 13.70
CA HIS A 11 -29.89 -25.18 14.32
C HIS A 11 -29.44 -25.29 15.77
N GLN A 12 -30.36 -25.69 16.64
CA GLN A 12 -30.00 -25.87 18.03
C GLN A 12 -28.87 -26.90 18.10
N ASN A 13 -27.93 -26.68 19.02
CA ASN A 13 -26.79 -27.58 19.17
C ASN A 13 -25.90 -27.57 17.93
N GLU A 14 -25.71 -26.38 17.38
CA GLU A 14 -24.86 -26.19 16.22
C GLU A 14 -23.44 -26.38 16.74
N GLU A 15 -22.84 -27.53 16.47
CA GLU A 15 -21.49 -27.80 16.96
C GLU A 15 -20.45 -26.79 16.51
N GLN A 16 -20.79 -26.00 15.49
CA GLN A 16 -19.89 -25.00 14.96
C GLN A 16 -19.92 -23.66 15.69
N LEU A 17 -20.93 -23.48 16.54
CA LEU A 17 -21.04 -22.23 17.28
C LEU A 17 -20.83 -22.37 18.76
N LYS A 18 -20.30 -21.31 19.36
CA LYS A 18 -20.09 -21.28 20.80
C LYS A 18 -21.00 -20.16 21.31
N LEU A 19 -22.09 -20.55 21.96
CA LEU A 19 -23.03 -19.60 22.50
C LEU A 19 -22.65 -19.25 23.94
N GLN A 20 -22.72 -17.97 24.29
CA GLN A 20 -22.38 -17.54 25.63
C GLN A 20 -23.50 -16.67 26.21
N ARG A 21 -23.66 -16.74 27.52
CA ARG A 21 -24.69 -16.00 28.23
C ARG A 21 -26.08 -16.25 27.67
N ASP A 22 -26.82 -15.18 27.44
CA ASP A 22 -28.19 -15.27 26.94
C ASP A 22 -28.38 -15.71 25.51
N ALA A 23 -27.30 -15.88 24.76
CA ALA A 23 -27.42 -16.28 23.37
C ALA A 23 -28.09 -17.64 23.23
N ARG A 24 -29.06 -17.71 22.32
CA ARG A 24 -29.79 -18.95 22.08
C ARG A 24 -30.39 -18.99 20.67
N ILE A 25 -30.34 -20.18 20.07
CA ILE A 25 -30.89 -20.38 18.75
C ILE A 25 -32.35 -20.83 18.89
N SER A 26 -33.28 -20.08 18.29
CA SER A 26 -34.70 -20.42 18.39
C SER A 26 -35.07 -21.64 17.55
N SER A 27 -36.25 -22.18 17.79
CA SER A 27 -36.72 -23.34 17.07
C SER A 27 -36.94 -23.06 15.58
N ASN A 28 -37.18 -21.79 15.23
CA ASN A 28 -37.40 -21.46 13.84
C ASN A 28 -36.14 -20.98 13.11
N SER A 29 -35.00 -21.48 13.55
CA SER A 29 -33.72 -21.18 12.90
C SER A 29 -32.99 -19.86 13.06
N VAL A 30 -33.41 -19.00 13.97
CA VAL A 30 -32.70 -17.72 14.11
C VAL A 30 -31.83 -17.67 15.37
N LEU A 31 -30.71 -16.95 15.27
CA LEU A 31 -29.80 -16.81 16.38
C LEU A 31 -30.18 -15.55 17.17
N GLU A 32 -30.77 -15.75 18.34
CA GLU A 32 -31.19 -14.63 19.17
C GLU A 32 -30.11 -14.32 20.19
N LEU A 33 -29.36 -13.26 19.93
CA LEU A 33 -28.27 -12.86 20.81
C LEU A 33 -28.76 -12.47 22.20
N THR A 34 -29.83 -11.70 22.25
CA THR A 34 -30.36 -11.29 23.53
C THR A 34 -31.70 -11.96 23.85
N LYS A 35 -31.98 -12.04 25.14
CA LYS A 35 -33.17 -12.67 25.68
C LYS A 35 -34.50 -12.14 25.16
N VAL A 36 -35.36 -13.05 24.72
CA VAL A 36 -36.69 -12.70 24.22
C VAL A 36 -37.66 -13.75 24.74
N VAL A 37 -38.52 -13.36 25.69
CA VAL A 37 -39.49 -14.27 26.30
C VAL A 37 -40.92 -14.06 25.78
N ASN A 38 -41.52 -15.12 25.24
CA ASN A 38 -42.89 -15.03 24.72
C ASN A 38 -43.02 -13.91 23.70
N GLY A 39 -42.08 -13.86 22.76
CA GLY A 39 -42.11 -12.83 21.74
C GLY A 39 -41.78 -11.43 22.19
N VAL A 40 -41.38 -11.28 23.45
CA VAL A 40 -41.05 -9.96 23.97
C VAL A 40 -39.59 -9.90 24.44
N PRO A 41 -38.85 -8.89 23.96
CA PRO A 41 -37.44 -8.76 24.36
C PRO A 41 -37.34 -8.14 25.76
N THR A 42 -36.38 -8.60 26.55
CA THR A 42 -36.22 -8.07 27.91
C THR A 42 -34.93 -7.28 28.06
N TRP A 43 -34.90 -6.45 29.09
CA TRP A 43 -33.74 -5.63 29.39
C TRP A 43 -32.74 -6.50 30.14
N ASN A 44 -31.64 -5.91 30.60
CA ASN A 44 -30.63 -6.64 31.36
C ASN A 44 -30.19 -7.93 30.67
N SER A 45 -30.09 -7.89 29.34
CA SER A 45 -29.65 -9.07 28.60
C SER A 45 -28.38 -8.85 27.80
N THR A 46 -27.55 -9.88 27.74
CA THR A 46 -26.30 -9.85 27.01
C THR A 46 -26.01 -11.25 26.52
N GLY A 47 -25.49 -11.36 25.30
CA GLY A 47 -25.17 -12.66 24.74
C GLY A 47 -24.22 -12.54 23.56
N ARG A 48 -23.44 -13.59 23.33
CA ARG A 48 -22.47 -13.63 22.25
C ARG A 48 -22.54 -14.96 21.53
N ALA A 49 -22.05 -14.98 20.29
CA ALA A 49 -22.02 -16.20 19.49
C ALA A 49 -20.69 -16.17 18.75
N LEU A 50 -19.82 -17.15 19.02
CA LEU A 50 -18.51 -17.21 18.38
C LEU A 50 -18.38 -18.43 17.51
N TYR A 51 -17.58 -18.33 16.46
CA TYR A 51 -17.34 -19.48 15.61
C TYR A 51 -16.42 -20.36 16.45
N ALA A 52 -16.81 -21.61 16.63
CA ALA A 52 -16.06 -22.57 17.46
C ALA A 52 -14.54 -22.62 17.22
N LYS A 53 -14.12 -22.57 15.98
CA LYS A 53 -12.71 -22.66 15.68
C LYS A 53 -12.05 -21.29 15.52
N PRO A 54 -10.77 -21.19 15.87
CA PRO A 54 -10.03 -19.94 15.77
C PRO A 54 -9.58 -19.72 14.33
N VAL A 55 -9.44 -18.45 13.92
CA VAL A 55 -8.98 -18.17 12.57
C VAL A 55 -7.67 -17.40 12.66
N GLN A 56 -6.77 -17.65 11.71
CA GLN A 56 -5.49 -16.98 11.69
C GLN A 56 -5.56 -15.73 10.83
N VAL A 57 -5.50 -14.56 11.46
CA VAL A 57 -5.56 -13.31 10.72
C VAL A 57 -4.17 -12.87 10.22
N TRP A 58 -3.11 -13.36 10.84
CA TRP A 58 -1.77 -13.05 10.38
C TRP A 58 -0.73 -14.05 10.87
N ASP A 59 0.40 -14.09 10.18
CA ASP A 59 1.48 -15.00 10.49
C ASP A 59 2.77 -14.25 10.80
N SER A 60 3.27 -14.43 12.02
CA SER A 60 4.48 -13.73 12.44
C SER A 60 5.72 -14.19 11.68
N THR A 61 5.69 -15.40 11.14
CA THR A 61 6.83 -15.89 10.37
C THR A 61 7.00 -15.14 9.05
N THR A 62 5.92 -14.93 8.32
CA THR A 62 6.00 -14.23 7.05
C THR A 62 5.61 -12.76 7.15
N GLY A 63 4.96 -12.39 8.25
CA GLY A 63 4.55 -11.01 8.42
C GLY A 63 3.27 -10.73 7.66
N ASN A 64 2.81 -11.71 6.90
CA ASN A 64 1.59 -11.57 6.11
C ASN A 64 0.31 -11.50 6.93
N VAL A 65 -0.58 -10.62 6.51
CA VAL A 65 -1.86 -10.41 7.17
C VAL A 65 -2.95 -10.93 6.22
N ALA A 66 -4.00 -11.49 6.77
CA ALA A 66 -5.09 -12.02 5.97
C ALA A 66 -6.10 -10.98 5.54
N SER A 67 -6.79 -11.29 4.44
CA SER A 67 -7.87 -10.48 3.89
C SER A 67 -9.10 -11.31 4.19
N PHE A 68 -10.25 -10.68 4.36
CA PHE A 68 -11.44 -11.46 4.64
C PHE A 68 -12.72 -10.72 4.27
N GLU A 69 -13.78 -11.50 4.12
CA GLU A 69 -15.07 -10.97 3.76
C GLU A 69 -16.11 -11.72 4.57
N THR A 70 -17.08 -11.00 5.09
CA THR A 70 -18.14 -11.63 5.85
C THR A 70 -19.46 -10.93 5.57
N ARG A 71 -20.49 -11.74 5.38
CA ARG A 71 -21.82 -11.24 5.09
C ARG A 71 -22.78 -11.88 6.08
N PHE A 72 -23.74 -11.09 6.55
CA PHE A 72 -24.73 -11.63 7.45
C PHE A 72 -25.99 -10.78 7.42
N SER A 73 -27.08 -11.37 7.89
CA SER A 73 -28.36 -10.66 7.93
C SER A 73 -28.83 -10.63 9.36
N PHE A 74 -29.38 -9.50 9.77
CA PHE A 74 -29.86 -9.39 11.12
C PHE A 74 -31.14 -8.65 11.12
N SER A 75 -31.83 -8.70 12.25
CA SER A 75 -33.07 -7.99 12.40
C SER A 75 -33.15 -7.48 13.82
N ILE A 76 -33.56 -6.23 13.94
CA ILE A 76 -33.71 -5.59 15.23
C ILE A 76 -35.14 -5.05 15.31
N ARG A 77 -35.95 -5.61 16.21
CA ARG A 77 -37.30 -5.13 16.37
C ARG A 77 -37.35 -4.34 17.66
N GLN A 78 -37.86 -3.12 17.58
CA GLN A 78 -37.95 -2.26 18.75
C GLN A 78 -39.41 -2.08 19.09
N PRO A 79 -39.94 -2.95 19.97
CA PRO A 79 -41.33 -2.96 20.44
C PRO A 79 -41.73 -1.72 21.24
N PHE A 80 -40.81 -1.21 22.06
CA PHE A 80 -41.08 -0.02 22.88
C PHE A 80 -40.30 1.21 22.43
N PRO A 81 -40.94 2.11 21.69
CA PRO A 81 -40.32 3.34 21.19
C PRO A 81 -39.84 4.29 22.28
N ARG A 82 -40.70 4.54 23.26
CA ARG A 82 -40.40 5.44 24.38
C ARG A 82 -40.06 4.55 25.56
N PRO A 83 -39.05 4.93 26.37
CA PRO A 83 -38.15 6.08 26.31
C PRO A 83 -37.06 5.98 25.26
N HIS A 84 -36.43 4.82 25.16
CA HIS A 84 -35.34 4.61 24.21
C HIS A 84 -34.85 3.16 24.12
N PRO A 85 -34.73 2.61 22.90
CA PRO A 85 -34.26 1.23 22.74
C PRO A 85 -32.77 1.11 23.11
N ALA A 86 -32.31 -0.11 23.33
CA ALA A 86 -30.91 -0.36 23.67
C ALA A 86 -30.59 -1.84 23.60
N ASP A 87 -29.34 -2.19 23.32
CA ASP A 87 -28.27 -1.23 23.09
C ASP A 87 -27.70 -1.33 21.67
N GLY A 88 -27.88 -2.48 21.04
CA GLY A 88 -27.38 -2.68 19.70
C GLY A 88 -26.58 -3.96 19.61
N LEU A 89 -26.01 -4.22 18.44
CA LEU A 89 -25.22 -5.43 18.24
C LEU A 89 -23.94 -5.11 17.50
N VAL A 90 -22.97 -6.02 17.58
CA VAL A 90 -21.71 -5.84 16.89
C VAL A 90 -21.17 -7.14 16.35
N PHE A 91 -20.34 -7.02 15.32
CA PHE A 91 -19.64 -8.13 14.73
C PHE A 91 -18.25 -7.83 15.27
N PHE A 92 -17.56 -8.82 15.81
CA PHE A 92 -16.25 -8.50 16.33
C PHE A 92 -15.20 -9.59 16.12
N ILE A 93 -13.95 -9.19 16.33
CA ILE A 93 -12.80 -10.05 16.22
C ILE A 93 -12.02 -9.83 17.53
N ALA A 94 -11.72 -10.92 18.23
CA ALA A 94 -10.99 -10.81 19.48
C ALA A 94 -10.09 -12.03 19.69
N PRO A 95 -9.25 -12.00 20.74
CA PRO A 95 -8.36 -13.15 20.99
C PRO A 95 -9.24 -14.35 21.29
N PRO A 96 -8.72 -15.56 21.15
CA PRO A 96 -9.55 -16.72 21.44
C PRO A 96 -9.77 -16.95 22.93
N ASN A 97 -10.84 -17.65 23.27
CA ASN A 97 -11.16 -17.97 24.66
C ASN A 97 -11.37 -16.74 25.53
N THR A 98 -12.31 -15.87 25.15
CA THR A 98 -12.58 -14.67 25.95
C THR A 98 -13.97 -14.81 26.55
N GLN A 99 -14.23 -14.07 27.62
CA GLN A 99 -15.53 -14.14 28.27
C GLN A 99 -16.34 -12.91 27.95
N THR A 100 -17.66 -13.03 28.05
CA THR A 100 -18.54 -11.91 27.79
C THR A 100 -18.11 -10.72 28.64
N GLY A 101 -18.05 -9.54 28.04
CA GLY A 101 -17.67 -8.35 28.78
C GLY A 101 -18.88 -7.73 29.43
N GLU A 102 -18.79 -6.43 29.71
CA GLU A 102 -19.86 -5.67 30.34
C GLU A 102 -21.00 -5.46 29.33
N GLY A 103 -22.24 -5.47 29.82
CA GLY A 103 -23.38 -5.27 28.94
C GLY A 103 -23.60 -3.82 28.60
N GLY A 104 -24.86 -3.43 28.44
CA GLY A 104 -25.18 -2.05 28.10
C GLY A 104 -24.42 -1.54 26.89
N GLY A 105 -23.99 -0.28 26.96
CA GLY A 105 -23.27 0.33 25.87
C GLY A 105 -21.97 -0.33 25.48
N TYR A 106 -21.54 -1.33 26.25
CA TYR A 106 -20.29 -2.04 25.91
C TYR A 106 -20.54 -3.29 25.10
N PHE A 107 -21.81 -3.56 24.81
CA PHE A 107 -22.20 -4.68 23.96
C PHE A 107 -21.76 -6.06 24.42
N GLY A 108 -21.09 -6.14 25.55
CA GLY A 108 -20.64 -7.42 26.03
C GLY A 108 -19.29 -7.82 25.47
N ILE A 109 -18.57 -6.87 24.85
CA ILE A 109 -17.26 -7.16 24.29
C ILE A 109 -16.13 -6.41 25.00
N TYR A 110 -16.49 -5.43 25.82
CA TYR A 110 -15.49 -4.66 26.55
C TYR A 110 -15.56 -4.99 28.03
N ASN A 111 -14.40 -5.35 28.60
CA ASN A 111 -14.26 -5.70 30.03
C ASN A 111 -13.17 -4.83 30.68
N PRO A 112 -13.58 -3.84 31.49
CA PRO A 112 -12.70 -2.89 32.19
C PRO A 112 -11.50 -3.41 32.99
N LEU A 113 -11.73 -4.29 33.94
CA LEU A 113 -10.63 -4.79 34.77
C LEU A 113 -9.76 -5.86 34.12
N SER A 114 -10.02 -6.13 32.85
CA SER A 114 -9.24 -7.12 32.11
C SER A 114 -9.41 -6.89 30.61
N PRO A 115 -9.26 -5.63 30.16
CA PRO A 115 -9.41 -5.31 28.73
C PRO A 115 -8.60 -6.20 27.80
N TYR A 116 -9.24 -6.68 26.75
CA TYR A 116 -8.55 -7.47 25.73
C TYR A 116 -8.77 -6.72 24.42
N PRO A 117 -7.78 -6.76 23.53
CA PRO A 117 -7.92 -6.05 22.26
C PRO A 117 -9.04 -6.61 21.37
N PHE A 118 -9.54 -5.78 20.47
CA PHE A 118 -10.60 -6.21 19.58
C PHE A 118 -10.91 -5.20 18.51
N VAL A 119 -11.42 -5.68 17.39
CA VAL A 119 -11.85 -4.82 16.29
C VAL A 119 -13.33 -5.20 16.15
N ALA A 120 -14.18 -4.19 16.06
CA ALA A 120 -15.61 -4.46 15.96
C ALA A 120 -16.36 -3.49 15.06
N VAL A 121 -17.46 -3.97 14.50
CA VAL A 121 -18.31 -3.13 13.68
C VAL A 121 -19.62 -3.11 14.45
N GLU A 122 -20.03 -1.93 14.88
CA GLU A 122 -21.24 -1.82 15.68
C GLU A 122 -22.44 -1.20 14.97
N PHE A 123 -23.61 -1.59 15.47
CA PHE A 123 -24.87 -1.06 14.99
C PHE A 123 -25.49 -0.63 16.31
N ASP A 124 -25.12 0.60 16.68
CA ASP A 124 -25.49 1.23 17.94
C ASP A 124 -26.87 1.85 17.89
N THR A 125 -27.73 1.47 18.84
CA THR A 125 -29.09 1.99 18.88
C THR A 125 -29.38 2.91 20.08
N PHE A 126 -28.45 2.96 21.04
CA PHE A 126 -28.61 3.82 22.21
C PHE A 126 -27.48 4.83 22.29
N ARG A 127 -27.82 6.09 22.55
CA ARG A 127 -26.81 7.12 22.63
C ARG A 127 -26.17 7.27 24.00
N ASN A 128 -24.95 6.77 24.15
CA ASN A 128 -24.22 6.90 25.41
C ASN A 128 -23.52 8.25 25.38
N THR A 129 -22.90 8.64 26.48
CA THR A 129 -22.21 9.93 26.57
C THR A 129 -21.15 10.10 25.49
N TRP A 130 -20.58 8.99 25.04
CA TRP A 130 -19.53 9.01 24.03
C TRP A 130 -20.03 8.80 22.60
N ASP A 131 -21.36 8.75 22.43
CA ASP A 131 -21.96 8.52 21.11
C ASP A 131 -22.54 9.72 20.41
N PRO A 132 -22.56 9.67 19.07
CA PRO A 132 -23.12 10.74 18.25
C PRO A 132 -24.57 10.28 18.12
N GLN A 133 -25.39 10.97 17.34
CA GLN A 133 -26.79 10.56 17.18
C GLN A 133 -26.90 9.09 16.81
N ILE A 134 -28.00 8.45 17.22
CA ILE A 134 -28.23 7.05 16.89
C ILE A 134 -29.49 6.95 16.04
N PRO A 135 -29.67 5.84 15.31
CA PRO A 135 -28.73 4.72 15.26
C PRO A 135 -27.53 5.08 14.39
N HIS A 136 -26.44 4.37 14.55
CA HIS A 136 -25.28 4.61 13.72
C HIS A 136 -24.41 3.38 13.61
N ILE A 137 -23.62 3.34 12.54
CA ILE A 137 -22.67 2.26 12.30
C ILE A 137 -21.37 2.86 12.78
N GLY A 138 -20.56 2.06 13.44
CA GLY A 138 -19.30 2.56 13.92
C GLY A 138 -18.22 1.50 13.82
N ILE A 139 -16.99 1.96 13.63
CA ILE A 139 -15.85 1.05 13.57
C ILE A 139 -15.11 1.25 14.88
N ASP A 140 -15.02 0.18 15.67
CA ASP A 140 -14.35 0.25 16.95
C ASP A 140 -13.08 -0.57 17.03
N VAL A 141 -12.03 0.05 17.56
CA VAL A 141 -10.75 -0.59 17.75
C VAL A 141 -10.37 -0.46 19.23
N ASN A 142 -10.39 -1.57 19.96
CA ASN A 142 -10.05 -1.60 21.39
C ASN A 142 -10.95 -0.75 22.27
N SER A 143 -11.96 -0.13 21.68
CA SER A 143 -12.84 0.73 22.46
C SER A 143 -14.16 0.84 21.77
N VAL A 144 -15.18 1.26 22.52
CA VAL A 144 -16.50 1.42 21.97
C VAL A 144 -16.66 2.88 21.54
N ILE A 145 -15.55 3.62 21.58
CA ILE A 145 -15.54 5.01 21.15
C ILE A 145 -15.04 4.94 19.71
N SER A 146 -15.98 4.71 18.80
CA SER A 146 -15.70 4.54 17.37
C SER A 146 -14.71 5.52 16.76
N THR A 147 -13.89 5.01 15.86
CA THR A 147 -12.91 5.83 15.17
C THR A 147 -13.65 6.54 14.06
N LYS A 148 -14.70 5.88 13.55
CA LYS A 148 -15.51 6.41 12.47
C LYS A 148 -16.96 6.01 12.69
N THR A 149 -17.88 6.91 12.35
CA THR A 149 -19.30 6.68 12.55
C THR A 149 -20.13 7.21 11.38
N VAL A 150 -21.27 6.56 11.12
CA VAL A 150 -22.18 7.05 10.09
C VAL A 150 -23.60 6.74 10.57
N PRO A 151 -24.51 7.71 10.44
CA PRO A 151 -25.88 7.46 10.90
C PRO A 151 -26.71 6.64 9.91
N PHE A 152 -27.73 5.96 10.40
CA PHE A 152 -28.61 5.20 9.53
C PHE A 152 -29.99 5.10 10.15
N THR A 153 -31.01 4.87 9.33
CA THR A 153 -32.37 4.75 9.81
C THR A 153 -32.72 3.27 9.80
N LEU A 154 -33.14 2.77 10.94
CA LEU A 154 -33.48 1.36 11.07
C LEU A 154 -34.81 0.96 10.45
N ASP A 155 -34.86 -0.27 9.94
CA ASP A 155 -36.13 -0.76 9.42
C ASP A 155 -36.60 -1.65 10.56
N ASN A 156 -37.40 -1.07 11.44
CA ASN A 156 -37.92 -1.78 12.60
C ASN A 156 -38.51 -3.15 12.26
N GLY A 157 -37.87 -4.20 12.77
CA GLY A 157 -38.35 -5.54 12.50
C GLY A 157 -38.04 -6.04 11.10
N GLY A 158 -37.52 -5.17 10.25
CA GLY A 158 -37.16 -5.57 8.89
C GLY A 158 -35.83 -6.32 8.86
N ILE A 159 -35.44 -6.74 7.67
CA ILE A 159 -34.20 -7.49 7.48
C ILE A 159 -33.10 -6.57 6.99
N ALA A 160 -31.89 -6.74 7.51
CA ALA A 160 -30.76 -5.93 7.10
C ALA A 160 -29.64 -6.83 6.58
N ASN A 161 -29.08 -6.45 5.44
CA ASN A 161 -27.98 -7.19 4.85
C ASN A 161 -26.72 -6.41 5.08
N VAL A 162 -25.71 -7.08 5.61
CA VAL A 162 -24.45 -6.44 5.91
C VAL A 162 -23.30 -7.14 5.20
N VAL A 163 -22.37 -6.34 4.69
CA VAL A 163 -21.19 -6.90 4.06
C VAL A 163 -19.98 -6.20 4.66
N ILE A 164 -19.08 -6.99 5.22
CA ILE A 164 -17.87 -6.42 5.79
C ILE A 164 -16.69 -7.02 5.04
N LYS A 165 -15.85 -6.15 4.51
CA LYS A 165 -14.69 -6.57 3.74
C LYS A 165 -13.42 -5.93 4.27
N TYR A 166 -12.35 -6.73 4.31
CA TYR A 166 -11.08 -6.21 4.76
C TYR A 166 -9.99 -6.60 3.77
N ASP A 167 -9.31 -5.60 3.21
CA ASP A 167 -8.24 -5.84 2.24
C ASP A 167 -6.90 -5.58 2.94
N ALA A 168 -6.10 -6.63 3.10
CA ALA A 168 -4.80 -6.51 3.77
C ALA A 168 -3.83 -5.57 3.06
N SER A 169 -3.84 -5.57 1.73
CA SER A 169 -2.93 -4.71 0.99
C SER A 169 -3.14 -3.22 1.26
N THR A 170 -4.39 -2.80 1.41
CA THR A 170 -4.66 -1.39 1.68
C THR A 170 -5.01 -1.13 3.13
N LYS A 171 -5.28 -2.19 3.88
CA LYS A 171 -5.65 -2.09 5.29
C LYS A 171 -7.00 -1.39 5.44
N ILE A 172 -7.82 -1.45 4.39
CA ILE A 172 -9.14 -0.82 4.43
C ILE A 172 -10.22 -1.78 4.91
N LEU A 173 -10.96 -1.37 5.93
CA LEU A 173 -12.07 -2.16 6.41
C LEU A 173 -13.30 -1.41 5.94
N HIS A 174 -14.07 -1.98 5.03
CA HIS A 174 -15.27 -1.32 4.56
C HIS A 174 -16.49 -2.14 4.84
N VAL A 175 -17.53 -1.46 5.33
CA VAL A 175 -18.78 -2.12 5.64
C VAL A 175 -19.94 -1.47 4.90
N VAL A 176 -20.88 -2.32 4.48
CA VAL A 176 -22.06 -1.88 3.76
C VAL A 176 -23.28 -2.40 4.49
N LEU A 177 -24.29 -1.54 4.64
CA LEU A 177 -25.52 -1.88 5.33
C LEU A 177 -26.67 -1.59 4.35
N VAL A 178 -27.48 -2.60 4.08
CA VAL A 178 -28.60 -2.44 3.17
C VAL A 178 -29.89 -2.97 3.77
N PHE A 179 -30.95 -2.18 3.64
CA PHE A 179 -32.28 -2.57 4.10
C PHE A 179 -33.07 -2.75 2.81
N PRO A 180 -33.13 -3.99 2.29
CA PRO A 180 -33.86 -4.28 1.06
C PRO A 180 -35.31 -3.81 0.95
N SER A 181 -36.05 -3.78 2.06
CA SER A 181 -37.44 -3.30 2.00
C SER A 181 -37.52 -1.80 1.77
N LEU A 182 -36.53 -1.08 2.25
CA LEU A 182 -36.50 0.38 2.11
C LEU A 182 -35.62 0.83 0.94
N GLY A 183 -34.76 -0.06 0.47
CA GLY A 183 -33.86 0.29 -0.63
C GLY A 183 -32.75 1.24 -0.22
N THR A 184 -32.59 1.45 1.09
CA THR A 184 -31.56 2.33 1.61
C THR A 184 -30.19 1.64 1.70
N ILE A 185 -29.13 2.41 1.46
CA ILE A 185 -27.77 1.89 1.47
C ILE A 185 -26.86 2.80 2.28
N TYR A 186 -26.13 2.22 3.24
CA TYR A 186 -25.21 3.01 4.05
C TYR A 186 -23.82 2.41 3.94
N THR A 187 -22.82 3.25 3.83
CA THR A 187 -21.47 2.76 3.70
C THR A 187 -20.50 3.50 4.60
N ILE A 188 -19.51 2.79 5.13
CA ILE A 188 -18.52 3.40 5.99
C ILE A 188 -17.22 2.61 5.87
N ALA A 189 -16.10 3.29 5.94
CA ALA A 189 -14.82 2.61 5.82
C ALA A 189 -13.75 3.32 6.63
N ASP A 190 -12.70 2.60 6.98
CA ASP A 190 -11.60 3.19 7.72
C ASP A 190 -10.40 2.28 7.59
N ILE A 191 -9.23 2.81 7.96
CA ILE A 191 -7.98 2.08 7.89
C ILE A 191 -7.69 1.44 9.24
N VAL A 192 -7.49 0.13 9.22
CA VAL A 192 -7.21 -0.59 10.45
C VAL A 192 -6.11 -1.61 10.16
N ASP A 193 -5.10 -1.62 11.02
CA ASP A 193 -3.99 -2.54 10.87
C ASP A 193 -4.15 -3.66 11.89
N LEU A 194 -4.78 -4.75 11.46
CA LEU A 194 -5.03 -5.89 12.31
C LEU A 194 -3.78 -6.41 13.01
N LYS A 195 -2.70 -6.51 12.25
CA LYS A 195 -1.41 -7.00 12.72
C LYS A 195 -0.92 -6.23 13.95
N GLN A 196 -1.33 -4.97 14.00
CA GLN A 196 -0.95 -4.06 15.06
C GLN A 196 -1.82 -4.15 16.30
N VAL A 197 -3.03 -4.68 16.16
CA VAL A 197 -3.93 -4.75 17.31
C VAL A 197 -4.30 -6.14 17.78
N LEU A 198 -4.31 -7.11 16.88
CA LEU A 198 -4.70 -8.47 17.24
C LEU A 198 -3.59 -9.50 17.14
N PRO A 199 -3.74 -10.62 17.86
CA PRO A 199 -2.75 -11.71 17.85
C PRO A 199 -2.95 -12.52 16.56
N GLU A 200 -2.04 -13.45 16.28
CA GLU A 200 -2.15 -14.23 15.04
C GLU A 200 -3.45 -15.03 14.90
N SER A 201 -3.95 -15.55 16.00
CA SER A 201 -5.19 -16.33 15.99
C SER A 201 -6.29 -15.60 16.76
N VAL A 202 -7.48 -15.59 16.18
CA VAL A 202 -8.60 -14.91 16.80
C VAL A 202 -9.91 -15.66 16.65
N ASN A 203 -10.94 -15.15 17.31
CA ASN A 203 -12.28 -15.72 17.21
C ASN A 203 -13.10 -14.63 16.54
N VAL A 204 -14.08 -15.02 15.74
CA VAL A 204 -14.94 -14.04 15.10
C VAL A 204 -16.36 -14.35 15.54
N GLY A 205 -17.20 -13.32 15.66
CA GLY A 205 -18.56 -13.58 16.08
C GLY A 205 -19.39 -12.33 16.30
N PHE A 206 -20.50 -12.49 17.00
CA PHE A 206 -21.42 -11.41 17.28
C PHE A 206 -21.63 -11.24 18.78
N SER A 207 -22.14 -10.09 19.17
CA SER A 207 -22.41 -9.79 20.56
C SER A 207 -23.44 -8.67 20.57
N ALA A 208 -24.37 -8.75 21.51
CA ALA A 208 -25.41 -7.76 21.63
C ALA A 208 -25.78 -7.55 23.08
N ALA A 209 -26.52 -6.49 23.38
CA ALA A 209 -26.95 -6.22 24.74
C ALA A 209 -28.18 -5.34 24.75
N THR A 210 -29.01 -5.49 25.78
CA THR A 210 -30.19 -4.67 25.93
C THR A 210 -29.94 -3.74 27.11
N GLY A 211 -30.89 -2.86 27.37
CA GLY A 211 -30.74 -1.89 28.46
C GLY A 211 -30.18 -2.41 29.76
N ASP A 212 -29.27 -1.65 30.36
CA ASP A 212 -28.67 -2.03 31.64
C ASP A 212 -29.61 -1.57 32.76
N PRO A 213 -29.70 -2.35 33.85
CA PRO A 213 -30.56 -2.00 34.98
C PRO A 213 -30.30 -0.57 35.52
N SER A 214 -29.05 -0.14 35.46
CA SER A 214 -28.67 1.18 35.95
C SER A 214 -29.45 2.31 35.28
N GLY A 215 -30.04 2.02 34.12
CA GLY A 215 -30.81 3.04 33.42
C GLY A 215 -32.23 3.12 33.96
N LYS A 216 -32.60 2.13 34.76
CA LYS A 216 -33.92 2.04 35.37
C LYS A 216 -35.07 2.19 34.39
N GLN A 217 -34.91 1.59 33.21
CA GLN A 217 -35.94 1.60 32.16
C GLN A 217 -36.04 0.20 31.55
N ARG A 218 -37.12 -0.50 31.87
CA ARG A 218 -37.33 -1.85 31.35
C ARG A 218 -37.66 -1.84 29.86
N ASN A 219 -38.10 -0.70 29.34
CA ASN A 219 -38.43 -0.60 27.92
C ASN A 219 -37.16 -0.44 27.09
N ALA A 220 -36.04 -0.18 27.74
CA ALA A 220 -34.77 -0.01 27.06
C ALA A 220 -34.32 -1.37 26.54
N THR A 221 -34.97 -1.86 25.48
CA THR A 221 -34.63 -3.16 24.95
C THR A 221 -35.12 -3.31 23.50
N GLU A 222 -34.73 -4.40 22.87
CA GLU A 222 -35.08 -4.70 21.49
C GLU A 222 -34.52 -6.07 21.19
N THR A 223 -34.80 -6.60 20.01
CA THR A 223 -34.30 -7.91 19.65
C THR A 223 -32.97 -7.71 18.90
N HIS A 224 -32.15 -8.75 18.87
CA HIS A 224 -30.87 -8.70 18.18
C HIS A 224 -30.66 -10.06 17.52
N ASP A 225 -31.41 -10.31 16.44
CA ASP A 225 -31.34 -11.61 15.76
C ASP A 225 -30.45 -11.67 14.52
N ILE A 226 -29.75 -12.79 14.37
CA ILE A 226 -28.89 -13.01 13.21
C ILE A 226 -29.57 -14.13 12.42
N LEU A 227 -29.89 -13.84 11.16
CA LEU A 227 -30.58 -14.79 10.31
C LEU A 227 -29.69 -15.71 9.50
N SER A 228 -28.53 -15.22 9.10
CA SER A 228 -27.59 -16.01 8.30
C SER A 228 -26.19 -15.43 8.45
N TRP A 229 -25.17 -16.21 8.11
CA TRP A 229 -23.82 -15.72 8.26
C TRP A 229 -22.79 -16.52 7.48
N SER A 230 -22.06 -15.85 6.59
CA SER A 230 -21.01 -16.52 5.81
C SER A 230 -19.71 -15.78 6.09
N PHE A 231 -18.60 -16.51 6.13
CA PHE A 231 -17.29 -15.94 6.43
C PHE A 231 -16.19 -16.62 5.65
N SER A 232 -15.27 -15.81 5.11
CA SER A 232 -14.16 -16.34 4.35
C SER A 232 -12.91 -15.52 4.63
N ALA A 233 -11.78 -16.21 4.80
CA ALA A 233 -10.51 -15.52 5.04
C ALA A 233 -9.38 -16.15 4.22
N SER A 234 -8.43 -15.35 3.78
CA SER A 234 -7.32 -15.84 2.99
C SER A 234 -5.97 -15.37 3.51
N LEU A 235 -5.11 -16.31 3.85
CA LEU A 235 -3.79 -15.97 4.35
C LEU A 235 -2.77 -16.51 3.37
N PRO A 236 -2.18 -15.64 2.55
CA PRO A 236 -1.17 -16.08 1.59
C PRO A 236 0.12 -16.51 2.28
N GLY A 237 0.32 -16.02 3.51
CA GLY A 237 1.51 -16.37 4.24
C GLY A 237 1.30 -17.01 5.61
N LYS B 1 -17.06 26.61 1.36
CA LYS B 1 -18.44 26.08 1.09
C LYS B 1 -18.37 25.16 -0.12
N THR B 2 -19.41 24.36 -0.36
CA THR B 2 -19.37 23.46 -1.50
C THR B 2 -20.70 23.07 -2.18
N ILE B 3 -20.57 22.56 -3.40
CA ILE B 3 -21.69 22.16 -4.27
C ILE B 3 -22.56 20.96 -3.94
N SER B 4 -23.53 20.74 -4.82
CA SER B 4 -24.51 19.66 -4.71
C SER B 4 -25.55 19.75 -5.85
N PHE B 5 -25.93 18.61 -6.40
CA PHE B 5 -26.95 18.58 -7.44
C PHE B 5 -27.62 17.22 -7.47
N ASN B 6 -28.83 17.19 -8.01
CA ASN B 6 -29.58 15.94 -8.06
C ASN B 6 -30.54 15.90 -9.23
N PHE B 7 -30.52 14.79 -9.97
CA PHE B 7 -31.39 14.58 -11.12
C PHE B 7 -32.19 13.31 -10.86
N ASN B 8 -33.49 13.45 -10.60
CA ASN B 8 -34.34 12.30 -10.36
C ASN B 8 -34.75 11.70 -11.70
N GLN B 9 -34.55 12.49 -12.76
CA GLN B 9 -34.82 12.06 -14.13
C GLN B 9 -34.11 13.05 -15.05
N PHE B 10 -34.11 12.79 -16.35
CA PHE B 10 -33.43 13.68 -17.27
C PHE B 10 -34.42 14.28 -18.27
N HIS B 11 -34.23 15.56 -18.58
CA HIS B 11 -35.11 16.25 -19.52
C HIS B 11 -34.38 16.48 -20.82
N GLN B 12 -35.10 16.34 -21.93
CA GLN B 12 -34.49 16.55 -23.24
C GLN B 12 -33.85 17.93 -23.22
N ASN B 13 -32.64 18.02 -23.76
CA ASN B 13 -31.95 19.31 -23.79
C ASN B 13 -31.74 19.88 -22.38
N GLU B 14 -31.07 19.11 -21.52
CA GLU B 14 -30.77 19.55 -20.16
C GLU B 14 -29.75 20.69 -20.20
N GLU B 15 -30.12 21.85 -19.67
CA GLU B 15 -29.20 22.97 -19.65
C GLU B 15 -28.00 22.64 -18.75
N GLN B 16 -28.23 21.75 -17.79
CA GLN B 16 -27.22 21.35 -16.80
C GLN B 16 -26.23 20.29 -17.27
N LEU B 17 -26.55 19.63 -18.37
CA LEU B 17 -25.66 18.59 -18.87
C LEU B 17 -25.01 18.91 -20.20
N LYS B 18 -23.83 18.33 -20.38
CA LYS B 18 -23.07 18.48 -21.60
C LYS B 18 -23.00 17.09 -22.20
N LEU B 19 -23.77 16.84 -23.25
CA LEU B 19 -23.77 15.54 -23.91
C LEU B 19 -22.73 15.55 -25.03
N GLN B 20 -21.96 14.47 -25.14
CA GLN B 20 -20.95 14.36 -26.18
C GLN B 20 -21.13 13.08 -26.96
N ARG B 21 -20.79 13.12 -28.24
CA ARG B 21 -20.89 11.96 -29.12
C ARG B 21 -22.28 11.35 -29.13
N ASP B 22 -22.36 10.04 -28.97
CA ASP B 22 -23.63 9.32 -29.01
C ASP B 22 -24.56 9.49 -27.83
N ALA B 23 -24.12 10.21 -26.80
CA ALA B 23 -24.97 10.41 -25.63
C ALA B 23 -26.26 11.18 -25.98
N ARG B 24 -27.39 10.68 -25.51
CA ARG B 24 -28.66 11.32 -25.78
C ARG B 24 -29.60 11.03 -24.62
N ILE B 25 -30.66 11.83 -24.53
CA ILE B 25 -31.66 11.63 -23.50
C ILE B 25 -32.91 11.14 -24.22
N SER B 26 -33.45 10.01 -23.79
CA SER B 26 -34.62 9.44 -24.42
C SER B 26 -35.89 10.20 -24.06
N SER B 27 -36.95 9.93 -24.81
CA SER B 27 -38.24 10.57 -24.60
C SER B 27 -38.84 10.24 -23.23
N ASN B 28 -38.48 9.10 -22.68
CA ASN B 28 -39.02 8.72 -21.38
C ASN B 28 -38.10 9.05 -20.20
N SER B 29 -37.24 10.05 -20.38
CA SER B 29 -36.35 10.48 -19.31
C SER B 29 -35.05 9.76 -18.95
N VAL B 30 -34.60 8.79 -19.75
CA VAL B 30 -33.35 8.12 -19.42
C VAL B 30 -32.17 8.64 -20.22
N LEU B 31 -30.99 8.63 -19.61
CA LEU B 31 -29.78 9.09 -20.28
C LEU B 31 -29.10 7.88 -20.94
N GLU B 32 -29.19 7.79 -22.25
CA GLU B 32 -28.59 6.70 -22.99
C GLU B 32 -27.22 7.11 -23.46
N LEU B 33 -26.18 6.62 -22.77
CA LEU B 33 -24.81 6.99 -23.12
C LEU B 33 -24.40 6.47 -24.50
N THR B 34 -24.79 5.25 -24.83
CA THR B 34 -24.46 4.70 -26.14
C THR B 34 -25.69 4.57 -27.03
N LYS B 35 -25.44 4.57 -28.33
CA LYS B 35 -26.49 4.52 -29.34
C LYS B 35 -27.40 3.29 -29.29
N VAL B 36 -28.70 3.53 -29.33
CA VAL B 36 -29.69 2.47 -29.35
C VAL B 36 -30.78 2.89 -30.35
N VAL B 37 -30.86 2.17 -31.46
CA VAL B 37 -31.85 2.48 -32.50
C VAL B 37 -32.99 1.46 -32.54
N ASN B 38 -34.22 1.97 -32.43
CA ASN B 38 -35.41 1.12 -32.45
C ASN B 38 -35.32 0.03 -31.41
N GLY B 39 -34.95 0.42 -30.19
CA GLY B 39 -34.84 -0.51 -29.09
C GLY B 39 -33.67 -1.48 -29.15
N VAL B 40 -32.79 -1.30 -30.13
CA VAL B 40 -31.65 -2.18 -30.26
C VAL B 40 -30.34 -1.39 -30.16
N PRO B 41 -29.43 -1.84 -29.29
CA PRO B 41 -28.15 -1.17 -29.12
C PRO B 41 -27.21 -1.55 -30.26
N THR B 42 -26.40 -0.59 -30.70
CA THR B 42 -25.47 -0.83 -31.80
C THR B 42 -24.02 -0.78 -31.34
N TRP B 43 -23.15 -1.38 -32.13
CA TRP B 43 -21.73 -1.41 -31.82
C TRP B 43 -21.14 -0.10 -32.31
N ASN B 44 -19.83 0.05 -32.21
CA ASN B 44 -19.18 1.24 -32.71
C ASN B 44 -19.78 2.52 -32.10
N SER B 45 -20.20 2.45 -30.84
CA SER B 45 -20.77 3.62 -30.18
C SER B 45 -20.00 4.08 -28.94
N THR B 46 -19.94 5.39 -28.76
CA THR B 46 -19.26 5.99 -27.63
C THR B 46 -19.99 7.29 -27.27
N GLY B 47 -20.12 7.57 -25.98
CA GLY B 47 -20.80 8.77 -25.54
C GLY B 47 -20.48 9.12 -24.10
N ARG B 48 -20.53 10.41 -23.77
CA ARG B 48 -20.28 10.86 -22.41
C ARG B 48 -21.32 11.88 -22.00
N ALA B 49 -21.43 12.09 -20.69
CA ALA B 49 -22.35 13.07 -20.16
C ALA B 49 -21.62 13.70 -18.98
N LEU B 50 -21.39 15.01 -19.05
CA LEU B 50 -20.68 15.73 -18.00
C LEU B 50 -21.59 16.76 -17.34
N TYR B 51 -21.35 17.04 -16.06
CA TYR B 51 -22.13 18.06 -15.38
C TYR B 51 -21.56 19.34 -15.97
N ALA B 52 -22.43 20.21 -16.46
CA ALA B 52 -22.02 21.47 -17.08
C ALA B 52 -21.01 22.32 -16.33
N LYS B 53 -21.17 22.42 -15.02
CA LYS B 53 -20.27 23.24 -14.23
C LYS B 53 -19.12 22.43 -13.62
N PRO B 54 -17.96 23.07 -13.47
CA PRO B 54 -16.80 22.39 -12.90
C PRO B 54 -16.92 22.38 -11.37
N VAL B 55 -16.30 21.39 -10.74
CA VAL B 55 -16.34 21.30 -9.29
C VAL B 55 -14.92 21.34 -8.76
N GLN B 56 -14.75 21.98 -7.61
CA GLN B 56 -13.42 22.11 -7.02
C GLN B 56 -13.18 20.97 -6.06
N VAL B 57 -12.24 20.08 -6.41
CA VAL B 57 -11.94 18.95 -5.53
C VAL B 57 -10.87 19.28 -4.51
N TRP B 58 -10.11 20.33 -4.77
CA TRP B 58 -9.11 20.77 -3.80
C TRP B 58 -8.66 22.21 -4.04
N ASP B 59 -8.09 22.80 -2.99
CA ASP B 59 -7.63 24.19 -3.02
C ASP B 59 -6.14 24.28 -2.70
N SER B 60 -5.38 24.77 -3.67
CA SER B 60 -3.93 24.93 -3.51
C SER B 60 -3.55 25.89 -2.38
N THR B 61 -4.41 26.86 -2.11
CA THR B 61 -4.14 27.83 -1.06
C THR B 61 -4.10 27.19 0.32
N THR B 62 -5.11 26.37 0.62
CA THR B 62 -5.20 25.71 1.92
C THR B 62 -4.66 24.29 1.91
N GLY B 63 -4.52 23.72 0.72
CA GLY B 63 -4.03 22.36 0.62
C GLY B 63 -5.15 21.36 0.92
N ASN B 64 -6.32 21.88 1.29
CA ASN B 64 -7.49 21.08 1.60
C ASN B 64 -8.09 20.38 0.38
N VAL B 65 -8.43 19.11 0.56
CA VAL B 65 -9.03 18.32 -0.50
C VAL B 65 -10.48 18.04 -0.11
N ALA B 66 -11.36 17.96 -1.10
CA ALA B 66 -12.79 17.74 -0.84
C ALA B 66 -13.15 16.30 -0.62
N SER B 67 -14.29 16.11 0.04
CA SER B 67 -14.87 14.80 0.28
C SER B 67 -16.13 14.85 -0.57
N PHE B 68 -16.57 13.71 -1.10
CA PHE B 68 -17.78 13.72 -1.89
C PHE B 68 -18.51 12.40 -1.90
N GLU B 69 -19.78 12.46 -2.25
CA GLU B 69 -20.61 11.27 -2.33
C GLU B 69 -21.46 11.41 -3.58
N THR B 70 -21.60 10.31 -4.31
CA THR B 70 -22.44 10.32 -5.49
C THR B 70 -23.18 8.99 -5.62
N ARG B 71 -24.46 9.09 -5.94
CA ARG B 71 -25.30 7.93 -6.10
C ARG B 71 -25.98 8.03 -7.46
N PHE B 72 -26.13 6.88 -8.12
CA PHE B 72 -26.80 6.85 -9.40
C PHE B 72 -27.28 5.46 -9.70
N SER B 73 -28.24 5.37 -10.60
CA SER B 73 -28.75 4.09 -11.00
C SER B 73 -28.56 3.93 -12.50
N PHE B 74 -28.20 2.72 -12.90
CA PHE B 74 -28.02 2.49 -14.31
C PHE B 74 -28.60 1.16 -14.65
N SER B 75 -28.68 0.89 -15.95
CA SER B 75 -29.19 -0.36 -16.43
C SER B 75 -28.42 -0.74 -17.68
N ILE B 76 -28.02 -1.99 -17.74
CA ILE B 76 -27.30 -2.50 -18.89
C ILE B 76 -28.06 -3.72 -19.40
N ARG B 77 -28.58 -3.62 -20.61
CA ARG B 77 -29.31 -4.73 -21.19
C ARG B 77 -28.38 -5.35 -22.24
N GLN B 78 -28.14 -6.65 -22.11
CA GLN B 78 -27.29 -7.39 -23.02
C GLN B 78 -28.19 -8.33 -23.81
N PRO B 79 -28.69 -7.87 -24.97
CA PRO B 79 -29.58 -8.61 -25.87
C PRO B 79 -28.93 -9.79 -26.60
N PHE B 80 -27.64 -9.66 -26.89
CA PHE B 80 -26.92 -10.69 -27.63
C PHE B 80 -25.82 -11.34 -26.79
N PRO B 81 -26.16 -12.44 -26.11
CA PRO B 81 -25.21 -13.17 -25.26
C PRO B 81 -23.92 -13.63 -25.94
N ARG B 82 -24.02 -14.07 -27.19
CA ARG B 82 -22.83 -14.51 -27.91
C ARG B 82 -22.50 -13.50 -29.00
N PRO B 83 -21.21 -13.28 -29.28
CA PRO B 83 -20.06 -13.91 -28.64
C PRO B 83 -19.59 -13.22 -27.35
N HIS B 84 -19.90 -11.94 -27.21
CA HIS B 84 -19.47 -11.19 -26.02
C HIS B 84 -19.92 -9.74 -26.05
N PRO B 85 -20.70 -9.33 -25.05
CA PRO B 85 -21.16 -7.93 -25.02
C PRO B 85 -19.96 -7.01 -24.75
N ALA B 86 -20.09 -5.72 -25.07
CA ALA B 86 -19.01 -4.76 -24.83
C ALA B 86 -19.58 -3.33 -24.83
N ASP B 87 -18.95 -2.38 -24.15
CA ASP B 87 -17.73 -2.60 -23.37
C ASP B 87 -17.92 -2.31 -21.88
N GLY B 88 -18.91 -1.48 -21.57
CA GLY B 88 -19.17 -1.13 -20.18
C GLY B 88 -19.28 0.37 -20.02
N LEU B 89 -19.47 0.82 -18.79
CA LEU B 89 -19.59 2.25 -18.52
C LEU B 89 -18.76 2.64 -17.30
N VAL B 90 -18.48 3.93 -17.17
CA VAL B 90 -17.70 4.41 -16.05
C VAL B 90 -18.18 5.76 -15.56
N PHE B 91 -17.92 6.04 -14.29
CA PHE B 91 -18.21 7.32 -13.69
C PHE B 91 -16.80 7.84 -13.59
N PHE B 92 -16.54 9.07 -14.00
CA PHE B 92 -15.18 9.56 -13.92
C PHE B 92 -15.04 11.01 -13.50
N ILE B 93 -13.80 11.38 -13.18
CA ILE B 93 -13.44 12.73 -12.79
C ILE B 93 -12.21 13.05 -13.62
N ALA B 94 -12.26 14.16 -14.34
CA ALA B 94 -11.16 14.56 -15.19
C ALA B 94 -11.02 16.08 -15.24
N PRO B 95 -9.96 16.58 -15.90
CA PRO B 95 -9.78 18.04 -15.99
C PRO B 95 -10.94 18.59 -16.79
N PRO B 96 -11.25 19.89 -16.64
CA PRO B 96 -12.37 20.43 -17.42
C PRO B 96 -12.05 20.59 -18.90
N ASN B 97 -13.12 20.57 -19.70
CA ASN B 97 -13.07 20.73 -21.15
C ASN B 97 -12.18 19.73 -21.88
N THR B 98 -12.51 18.45 -21.74
CA THR B 98 -11.77 17.38 -22.41
C THR B 98 -12.67 16.79 -23.47
N GLN B 99 -12.07 16.13 -24.46
CA GLN B 99 -12.89 15.53 -25.51
C GLN B 99 -12.95 14.03 -25.35
N THR B 100 -13.99 13.43 -25.91
CA THR B 100 -14.17 11.99 -25.85
C THR B 100 -12.90 11.27 -26.29
N GLY B 101 -12.46 10.29 -25.52
CA GLY B 101 -11.27 9.55 -25.88
C GLY B 101 -11.61 8.43 -26.85
N GLU B 102 -10.76 7.42 -26.89
CA GLU B 102 -10.96 6.26 -27.76
C GLU B 102 -12.07 5.37 -27.20
N GLY B 103 -12.84 4.76 -28.09
CA GLY B 103 -13.92 3.91 -27.66
C GLY B 103 -13.47 2.54 -27.22
N GLY B 104 -14.29 1.51 -27.48
CA GLY B 104 -13.94 0.17 -27.08
C GLY B 104 -13.58 0.04 -25.62
N GLY B 105 -12.57 -0.77 -25.33
CA GLY B 105 -12.14 -0.98 -23.96
C GLY B 105 -11.66 0.27 -23.23
N TYR B 106 -11.55 1.40 -23.92
CA TYR B 106 -11.09 2.62 -23.27
C TYR B 106 -12.25 3.48 -22.79
N PHE B 107 -13.47 2.99 -23.02
CA PHE B 107 -14.69 3.66 -22.58
C PHE B 107 -14.89 5.09 -23.05
N GLY B 108 -13.99 5.62 -23.85
CA GLY B 108 -14.13 6.98 -24.30
C GLY B 108 -13.51 7.98 -23.36
N ILE B 109 -12.74 7.53 -22.38
CA ILE B 109 -12.09 8.45 -21.45
C ILE B 109 -10.56 8.46 -21.57
N TYR B 110 -10.02 7.49 -22.30
CA TYR B 110 -8.58 7.42 -22.48
C TYR B 110 -8.21 7.80 -23.90
N ASN B 111 -7.24 8.70 -24.01
CA ASN B 111 -6.77 9.20 -25.30
C ASN B 111 -5.25 9.06 -25.39
N PRO B 112 -4.76 7.96 -26.00
CA PRO B 112 -3.32 7.75 -26.14
C PRO B 112 -2.57 8.92 -26.76
N LEU B 113 -3.23 9.63 -27.68
CA LEU B 113 -2.63 10.77 -28.36
C LEU B 113 -2.26 11.86 -27.36
N SER B 114 -3.25 12.38 -26.64
CA SER B 114 -3.01 13.43 -25.66
C SER B 114 -3.63 13.03 -24.32
N PRO B 115 -3.02 12.06 -23.64
CA PRO B 115 -3.54 11.61 -22.33
C PRO B 115 -3.75 12.73 -21.31
N TYR B 116 -4.90 12.70 -20.64
CA TYR B 116 -5.19 13.66 -19.59
C TYR B 116 -5.48 12.81 -18.35
N PRO B 117 -5.10 13.30 -17.17
CA PRO B 117 -5.34 12.54 -15.95
C PRO B 117 -6.82 12.33 -15.63
N PHE B 118 -7.11 11.28 -14.88
CA PHE B 118 -8.49 10.99 -14.51
C PHE B 118 -8.60 9.89 -13.48
N VAL B 119 -9.69 9.95 -12.72
CA VAL B 119 -10.00 8.92 -11.73
C VAL B 119 -11.35 8.40 -12.19
N ALA B 120 -11.50 7.08 -12.28
CA ALA B 120 -12.77 6.53 -12.73
C ALA B 120 -13.15 5.23 -12.04
N VAL B 121 -14.44 4.96 -12.01
CA VAL B 121 -14.97 3.74 -11.43
C VAL B 121 -15.63 3.07 -12.62
N GLU B 122 -15.13 1.90 -13.00
CA GLU B 122 -15.67 1.22 -14.16
C GLU B 122 -16.53 0.00 -13.86
N PHE B 123 -17.41 -0.30 -14.80
CA PHE B 123 -18.28 -1.45 -14.76
C PHE B 123 -18.00 -2.06 -16.13
N ASP B 124 -16.92 -2.84 -16.16
CA ASP B 124 -16.37 -3.50 -17.34
C ASP B 124 -17.11 -4.77 -17.71
N THR B 125 -17.57 -4.84 -18.95
CA THR B 125 -18.30 -6.02 -19.41
C THR B 125 -17.55 -6.84 -20.45
N PHE B 126 -16.47 -6.30 -20.99
CA PHE B 126 -15.68 -7.03 -21.98
C PHE B 126 -14.26 -7.22 -21.48
N ARG B 127 -13.76 -8.44 -21.65
CA ARG B 127 -12.41 -8.75 -21.21
C ARG B 127 -11.30 -8.42 -22.19
N ASN B 128 -10.62 -7.32 -21.97
CA ASN B 128 -9.50 -6.90 -22.81
C ASN B 128 -8.26 -7.66 -22.33
N THR B 129 -7.17 -7.56 -23.07
CA THR B 129 -5.95 -8.27 -22.70
C THR B 129 -5.47 -7.90 -21.30
N TRP B 130 -5.81 -6.70 -20.84
CA TRP B 130 -5.39 -6.22 -19.51
C TRP B 130 -6.44 -6.45 -18.42
N ASP B 131 -7.53 -7.12 -18.77
CA ASP B 131 -8.61 -7.36 -17.80
C ASP B 131 -8.69 -8.75 -17.19
N PRO B 132 -9.24 -8.82 -15.97
CA PRO B 132 -9.44 -10.08 -15.26
C PRO B 132 -10.82 -10.51 -15.76
N GLN B 133 -11.39 -11.61 -15.25
CA GLN B 133 -12.69 -12.01 -15.76
C GLN B 133 -13.72 -10.88 -15.62
N ILE B 134 -14.72 -10.91 -16.48
CA ILE B 134 -15.78 -9.92 -16.48
C ILE B 134 -17.12 -10.59 -16.17
N PRO B 135 -18.11 -9.82 -15.75
CA PRO B 135 -17.99 -8.37 -15.55
C PRO B 135 -17.26 -8.09 -14.24
N HIS B 136 -16.73 -6.88 -14.10
CA HIS B 136 -16.08 -6.53 -12.86
C HIS B 136 -16.13 -5.03 -12.63
N ILE B 137 -15.95 -4.64 -11.37
CA ILE B 137 -15.92 -3.25 -10.99
C ILE B 137 -14.45 -3.00 -10.87
N GLY B 138 -14.00 -1.83 -11.31
CA GLY B 138 -12.59 -1.51 -11.22
C GLY B 138 -12.38 -0.05 -10.88
N ILE B 139 -11.28 0.23 -10.18
CA ILE B 139 -10.93 1.58 -9.82
C ILE B 139 -9.76 1.93 -10.71
N ASP B 140 -9.96 2.94 -11.55
CA ASP B 140 -8.94 3.37 -12.50
C ASP B 140 -8.36 4.74 -12.21
N VAL B 141 -7.03 4.83 -12.23
CA VAL B 141 -6.33 6.08 -12.03
C VAL B 141 -5.39 6.29 -13.23
N ASN B 142 -5.72 7.26 -14.07
CA ASN B 142 -4.94 7.60 -15.27
C ASN B 142 -4.81 6.47 -16.27
N SER B 143 -5.47 5.36 -16.03
CA SER B 143 -5.41 4.27 -16.98
C SER B 143 -6.59 3.36 -16.78
N VAL B 144 -6.87 2.50 -17.77
CA VAL B 144 -7.98 1.56 -17.64
C VAL B 144 -7.46 0.24 -17.11
N ILE B 145 -6.21 0.24 -16.65
CA ILE B 145 -5.64 -0.95 -16.04
C ILE B 145 -5.87 -0.70 -14.54
N SER B 146 -7.05 -1.10 -14.09
CA SER B 146 -7.49 -0.92 -12.71
C SER B 146 -6.46 -1.24 -11.64
N THR B 147 -6.45 -0.43 -10.59
CA THR B 147 -5.56 -0.65 -9.48
C THR B 147 -6.18 -1.75 -8.63
N LYS B 148 -7.51 -1.81 -8.65
CA LYS B 148 -8.26 -2.79 -7.86
C LYS B 148 -9.50 -3.22 -8.65
N THR B 149 -9.84 -4.50 -8.58
CA THR B 149 -11.05 -4.99 -9.26
C THR B 149 -11.78 -6.04 -8.44
N VAL B 150 -13.07 -6.15 -8.69
CA VAL B 150 -13.90 -7.15 -8.02
C VAL B 150 -14.93 -7.63 -9.04
N PRO B 151 -15.15 -8.95 -9.10
CA PRO B 151 -16.14 -9.45 -10.07
C PRO B 151 -17.57 -9.31 -9.58
N PHE B 152 -18.50 -9.23 -10.52
CA PHE B 152 -19.92 -9.13 -10.17
C PHE B 152 -20.77 -9.78 -11.26
N THR B 153 -21.97 -10.20 -10.91
CA THR B 153 -22.85 -10.82 -11.88
C THR B 153 -23.93 -9.80 -12.22
N LEU B 154 -24.05 -9.51 -13.51
CA LEU B 154 -25.00 -8.51 -13.97
C LEU B 154 -26.46 -8.96 -13.94
N ASP B 155 -27.35 -8.02 -13.69
CA ASP B 155 -28.77 -8.32 -13.74
C ASP B 155 -29.15 -7.72 -15.10
N ASN B 156 -29.10 -8.55 -16.12
CA ASN B 156 -29.40 -8.15 -17.48
C ASN B 156 -30.70 -7.38 -17.58
N GLY B 157 -30.59 -6.11 -17.97
CA GLY B 157 -31.77 -5.27 -18.12
C GLY B 157 -32.34 -4.80 -16.79
N GLY B 158 -31.80 -5.31 -15.69
CA GLY B 158 -32.28 -4.90 -14.38
C GLY B 158 -31.71 -3.55 -13.96
N ILE B 159 -32.12 -3.07 -12.79
CA ILE B 159 -31.65 -1.78 -12.28
C ILE B 159 -30.52 -1.99 -11.28
N ALA B 160 -29.51 -1.14 -11.35
CA ALA B 160 -28.39 -1.23 -10.43
C ALA B 160 -28.23 0.09 -9.67
N ASN B 161 -28.05 -0.01 -8.36
CA ASN B 161 -27.86 1.17 -7.54
C ASN B 161 -26.38 1.21 -7.17
N VAL B 162 -25.77 2.37 -7.40
CA VAL B 162 -24.37 2.53 -7.10
C VAL B 162 -24.15 3.70 -6.13
N VAL B 163 -23.24 3.50 -5.18
CA VAL B 163 -22.90 4.56 -4.25
C VAL B 163 -21.39 4.69 -4.26
N ILE B 164 -20.90 5.89 -4.56
CA ILE B 164 -19.46 6.13 -4.57
C ILE B 164 -19.18 7.21 -3.55
N LYS B 165 -18.31 6.90 -2.62
CA LYS B 165 -17.97 7.80 -1.53
C LYS B 165 -16.46 8.02 -1.46
N TYR B 166 -16.06 9.26 -1.21
CA TYR B 166 -14.64 9.56 -1.08
C TYR B 166 -14.42 10.38 0.18
N ASP B 167 -13.59 9.88 1.08
CA ASP B 167 -13.28 10.57 2.33
C ASP B 167 -11.88 11.16 2.23
N ALA B 168 -11.78 12.48 2.23
CA ALA B 168 -10.48 13.16 2.11
C ALA B 168 -9.52 12.84 3.25
N SER B 169 -10.06 12.71 4.46
CA SER B 169 -9.23 12.43 5.62
C SER B 169 -8.46 11.11 5.50
N THR B 170 -9.11 10.08 4.99
CA THR B 170 -8.46 8.77 4.85
C THR B 170 -8.00 8.49 3.42
N LYS B 171 -8.48 9.30 2.47
CA LYS B 171 -8.17 9.12 1.05
C LYS B 171 -8.75 7.80 0.53
N ILE B 172 -9.80 7.32 1.18
CA ILE B 172 -10.43 6.08 0.76
C ILE B 172 -11.60 6.32 -0.21
N LEU B 173 -11.54 5.66 -1.35
CA LEU B 173 -12.59 5.76 -2.34
C LEU B 173 -13.30 4.41 -2.24
N HIS B 174 -14.54 4.40 -1.80
CA HIS B 174 -15.25 3.15 -1.71
C HIS B 174 -16.51 3.19 -2.53
N VAL B 175 -16.74 2.12 -3.28
CA VAL B 175 -17.93 2.03 -4.10
C VAL B 175 -18.74 0.79 -3.76
N VAL B 176 -20.06 0.93 -3.85
CA VAL B 176 -20.99 -0.14 -3.56
C VAL B 176 -21.89 -0.31 -4.77
N LEU B 177 -22.13 -1.56 -5.15
CA LEU B 177 -23.02 -1.88 -6.26
C LEU B 177 -24.07 -2.84 -5.75
N VAL B 178 -25.33 -2.47 -5.95
CA VAL B 178 -26.45 -3.30 -5.50
C VAL B 178 -27.47 -3.49 -6.61
N PHE B 179 -27.90 -4.73 -6.77
CA PHE B 179 -28.93 -5.08 -7.73
C PHE B 179 -30.13 -5.48 -6.88
N PRO B 180 -31.03 -4.52 -6.61
CA PRO B 180 -32.22 -4.78 -5.80
C PRO B 180 -33.11 -5.98 -6.15
N SER B 181 -33.24 -6.30 -7.43
CA SER B 181 -34.05 -7.47 -7.80
C SER B 181 -33.39 -8.79 -7.41
N LEU B 182 -32.06 -8.80 -7.33
CA LEU B 182 -31.35 -10.03 -6.98
C LEU B 182 -30.89 -10.02 -5.53
N GLY B 183 -30.89 -8.84 -4.92
CA GLY B 183 -30.46 -8.73 -3.53
C GLY B 183 -28.96 -8.86 -3.35
N THR B 184 -28.22 -8.86 -4.46
CA THR B 184 -26.76 -8.99 -4.43
C THR B 184 -26.06 -7.68 -4.13
N ILE B 185 -24.95 -7.76 -3.39
CA ILE B 185 -24.20 -6.59 -3.00
C ILE B 185 -22.71 -6.78 -3.26
N TYR B 186 -22.09 -5.82 -3.93
CA TYR B 186 -20.67 -5.88 -4.24
C TYR B 186 -19.99 -4.64 -3.73
N THR B 187 -18.83 -4.81 -3.11
CA THR B 187 -18.12 -3.66 -2.57
C THR B 187 -16.64 -3.70 -2.93
N ILE B 188 -16.08 -2.52 -3.14
CA ILE B 188 -14.67 -2.42 -3.48
C ILE B 188 -14.16 -1.06 -3.02
N ALA B 189 -12.92 -1.02 -2.58
CA ALA B 189 -12.36 0.23 -2.10
C ALA B 189 -10.87 0.30 -2.36
N ASP B 190 -10.34 1.51 -2.39
CA ASP B 190 -8.91 1.69 -2.59
C ASP B 190 -8.52 3.09 -2.13
N ILE B 191 -7.22 3.30 -1.95
CA ILE B 191 -6.69 4.58 -1.52
C ILE B 191 -6.28 5.38 -2.77
N VAL B 192 -6.83 6.58 -2.89
CA VAL B 192 -6.54 7.45 -4.02
C VAL B 192 -6.34 8.87 -3.50
N ASP B 193 -5.25 9.49 -3.93
CA ASP B 193 -4.96 10.86 -3.52
C ASP B 193 -5.29 11.80 -4.68
N LEU B 194 -6.51 12.33 -4.68
CA LEU B 194 -6.98 13.22 -5.74
C LEU B 194 -6.03 14.37 -6.00
N LYS B 195 -5.57 14.99 -4.92
CA LYS B 195 -4.68 16.13 -4.96
C LYS B 195 -3.43 15.85 -5.78
N GLN B 196 -3.01 14.60 -5.80
CA GLN B 196 -1.81 14.20 -6.51
C GLN B 196 -2.05 13.82 -7.96
N VAL B 197 -3.30 13.60 -8.34
CA VAL B 197 -3.60 13.21 -9.71
C VAL B 197 -4.40 14.23 -10.52
N LEU B 198 -5.28 14.96 -9.85
CA LEU B 198 -6.13 15.92 -10.54
C LEU B 198 -5.90 17.39 -10.18
N PRO B 199 -6.32 18.30 -11.08
CA PRO B 199 -6.17 19.74 -10.87
C PRO B 199 -7.25 20.19 -9.87
N GLU B 200 -7.18 21.43 -9.41
CA GLU B 200 -8.15 21.91 -8.43
C GLU B 200 -9.61 21.88 -8.90
N SER B 201 -9.84 22.13 -10.19
CA SER B 201 -11.18 22.10 -10.75
C SER B 201 -11.32 20.97 -11.75
N VAL B 202 -12.44 20.25 -11.68
CA VAL B 202 -12.66 19.13 -12.57
C VAL B 202 -14.11 19.03 -13.01
N ASN B 203 -14.36 18.09 -13.93
CA ASN B 203 -15.71 17.80 -14.40
C ASN B 203 -16.02 16.39 -13.91
N VAL B 204 -17.28 16.12 -13.61
CA VAL B 204 -17.66 14.80 -13.18
C VAL B 204 -18.70 14.31 -14.17
N GLY B 205 -18.72 13.02 -14.44
CA GLY B 205 -19.72 12.52 -15.38
C GLY B 205 -19.61 11.05 -15.69
N PHE B 206 -20.28 10.63 -16.77
CA PHE B 206 -20.28 9.25 -17.20
C PHE B 206 -19.79 9.11 -18.61
N SER B 207 -19.38 7.91 -18.95
CA SER B 207 -18.91 7.60 -20.28
C SER B 207 -19.05 6.11 -20.52
N ALA B 208 -19.43 5.74 -21.74
CA ALA B 208 -19.61 4.32 -22.05
C ALA B 208 -19.24 4.08 -23.52
N ALA B 209 -19.12 2.82 -23.88
CA ALA B 209 -18.78 2.47 -25.26
C ALA B 209 -19.22 1.06 -25.57
N THR B 210 -19.52 0.81 -26.84
CA THR B 210 -19.91 -0.53 -27.26
C THR B 210 -18.77 -1.06 -28.13
N GLY B 211 -18.92 -2.30 -28.60
CA GLY B 211 -17.89 -2.92 -29.40
C GLY B 211 -17.24 -2.07 -30.46
N ASP B 212 -15.91 -2.17 -30.56
CA ASP B 212 -15.18 -1.42 -31.57
C ASP B 212 -15.16 -2.23 -32.87
N PRO B 213 -15.25 -1.54 -34.01
CA PRO B 213 -15.25 -2.24 -35.30
C PRO B 213 -14.09 -3.22 -35.50
N SER B 214 -12.94 -2.91 -34.90
CA SER B 214 -11.76 -3.76 -35.02
C SER B 214 -12.02 -5.17 -34.53
N GLY B 215 -13.06 -5.34 -33.71
CA GLY B 215 -13.39 -6.65 -33.20
C GLY B 215 -14.20 -7.46 -34.20
N LYS B 216 -14.70 -6.78 -35.22
CA LYS B 216 -15.47 -7.43 -36.29
C LYS B 216 -16.67 -8.22 -35.78
N GLN B 217 -17.32 -7.71 -34.75
CA GLN B 217 -18.49 -8.37 -34.16
C GLN B 217 -19.55 -7.32 -33.87
N ARG B 218 -20.62 -7.30 -34.65
CA ARG B 218 -21.69 -6.33 -34.45
C ARG B 218 -22.50 -6.63 -33.19
N ASN B 219 -22.42 -7.87 -32.71
CA ASN B 219 -23.13 -8.29 -31.51
C ASN B 219 -22.46 -7.76 -30.25
N ALA B 220 -21.21 -7.32 -30.39
CA ALA B 220 -20.47 -6.80 -29.25
C ALA B 220 -21.06 -5.46 -28.85
N THR B 221 -22.21 -5.50 -28.20
CA THR B 221 -22.87 -4.29 -27.79
C THR B 221 -23.85 -4.53 -26.66
N GLU B 222 -24.38 -3.44 -26.12
CA GLU B 222 -25.33 -3.50 -25.03
C GLU B 222 -25.77 -2.06 -24.75
N THR B 223 -26.75 -1.87 -23.87
CA THR B 223 -27.19 -0.52 -23.54
C THR B 223 -26.37 -0.04 -22.34
N HIS B 224 -26.31 1.27 -22.17
CA HIS B 224 -25.61 1.88 -21.03
C HIS B 224 -26.42 3.09 -20.57
N ASP B 225 -27.55 2.80 -19.91
CA ASP B 225 -28.44 3.86 -19.45
C ASP B 225 -28.29 4.30 -18.00
N ILE B 226 -28.42 5.60 -17.79
CA ILE B 226 -28.34 6.19 -16.46
C ILE B 226 -29.76 6.65 -16.14
N LEU B 227 -30.34 6.13 -15.06
CA LEU B 227 -31.71 6.49 -14.68
C LEU B 227 -31.81 7.70 -13.76
N SER B 228 -30.84 7.89 -12.87
CA SER B 228 -30.86 9.04 -11.97
C SER B 228 -29.45 9.30 -11.47
N TRP B 229 -29.22 10.47 -10.89
CA TRP B 229 -27.89 10.79 -10.44
C TRP B 229 -27.85 11.97 -9.47
N SER B 230 -27.30 11.75 -8.28
CA SER B 230 -27.18 12.80 -7.29
C SER B 230 -25.70 12.90 -6.95
N PHE B 231 -25.23 14.12 -6.66
CA PHE B 231 -23.83 14.31 -6.37
C PHE B 231 -23.72 15.35 -5.28
N SER B 232 -22.68 15.22 -4.48
CA SER B 232 -22.44 16.14 -3.39
C SER B 232 -20.94 16.19 -3.07
N ALA B 233 -20.42 17.39 -2.91
CA ALA B 233 -19.02 17.58 -2.58
C ALA B 233 -18.91 18.62 -1.48
N SER B 234 -17.98 18.40 -0.57
CA SER B 234 -17.79 19.28 0.57
C SER B 234 -16.32 19.65 0.75
N LEU B 235 -15.94 20.82 0.26
CA LEU B 235 -14.56 21.30 0.37
C LEU B 235 -14.49 22.29 1.53
N PRO B 236 -13.82 21.90 2.63
CA PRO B 236 -13.72 22.83 3.76
C PRO B 236 -12.72 23.93 3.42
N GLY B 237 -13.24 25.09 3.01
CA GLY B 237 -12.39 26.22 2.63
C GLY B 237 -12.44 26.53 1.15
N LYS C 1 4.76 -18.43 -8.82
CA LYS C 1 5.74 -18.58 -9.94
C LYS C 1 7.03 -17.79 -9.68
N THR C 2 8.10 -18.51 -9.36
CA THR C 2 9.37 -17.86 -9.10
C THR C 2 10.34 -18.11 -10.25
N ILE C 3 11.30 -17.21 -10.40
CA ILE C 3 12.29 -17.35 -11.46
C ILE C 3 13.60 -16.76 -10.96
N SER C 4 14.69 -17.46 -11.22
CA SER C 4 15.99 -16.99 -10.79
C SER C 4 17.11 -17.60 -11.58
N PHE C 5 18.12 -16.80 -11.86
CA PHE C 5 19.27 -17.26 -12.60
C PHE C 5 20.47 -16.50 -12.06
N ASN C 6 21.60 -17.17 -12.01
CA ASN C 6 22.82 -16.57 -11.50
C ASN C 6 23.98 -16.65 -12.51
N PHE C 7 24.93 -15.74 -12.38
CA PHE C 7 26.09 -15.69 -13.24
C PHE C 7 27.26 -15.20 -12.43
N ASN C 8 28.12 -16.11 -12.00
CA ASN C 8 29.31 -15.72 -11.25
C ASN C 8 30.34 -15.18 -12.24
N GLN C 9 30.18 -15.60 -13.50
CA GLN C 9 31.03 -15.18 -14.60
C GLN C 9 30.34 -15.62 -15.89
N PHE C 10 30.69 -14.97 -17.00
CA PHE C 10 30.08 -15.31 -18.27
C PHE C 10 31.00 -16.13 -19.18
N HIS C 11 30.42 -17.14 -19.83
CA HIS C 11 31.16 -18.01 -20.73
C HIS C 11 30.80 -17.75 -22.18
N GLN C 12 31.81 -17.74 -23.05
CA GLN C 12 31.59 -17.52 -24.47
C GLN C 12 30.48 -18.46 -24.94
N ASN C 13 29.68 -18.00 -25.89
CA ASN C 13 28.59 -18.82 -26.41
C ASN C 13 27.65 -19.24 -25.28
N GLU C 14 27.32 -18.29 -24.40
CA GLU C 14 26.40 -18.57 -23.28
C GLU C 14 24.98 -18.63 -23.84
N GLU C 15 24.41 -19.82 -23.77
CA GLU C 15 23.06 -20.13 -24.25
C GLU C 15 21.96 -19.31 -23.59
N GLN C 16 22.22 -18.86 -22.36
CA GLN C 16 21.20 -18.10 -21.65
C GLN C 16 21.20 -16.60 -21.88
N LEU C 17 22.17 -16.11 -22.63
CA LEU C 17 22.24 -14.69 -22.92
C LEU C 17 21.97 -14.40 -24.39
N LYS C 18 21.40 -13.23 -24.64
CA LYS C 18 21.12 -12.77 -25.99
C LYS C 18 21.98 -11.52 -26.15
N LEU C 19 23.08 -11.62 -26.88
CA LEU C 19 23.94 -10.46 -27.07
C LEU C 19 23.52 -9.72 -28.34
N GLN C 20 23.52 -8.40 -28.29
CA GLN C 20 23.13 -7.59 -29.44
C GLN C 20 24.17 -6.52 -29.72
N ARG C 21 24.33 -6.19 -31.00
CA ARG C 21 25.29 -5.20 -31.45
C ARG C 21 26.71 -5.48 -30.95
N ASP C 22 27.38 -4.47 -30.39
CA ASP C 22 28.76 -4.62 -29.90
C ASP C 22 28.99 -5.46 -28.66
N ALA C 23 27.92 -5.94 -28.02
CA ALA C 23 28.09 -6.74 -26.82
C ALA C 23 28.85 -8.04 -27.12
N ARG C 24 29.88 -8.32 -26.32
CA ARG C 24 30.66 -9.53 -26.50
C ARG C 24 31.40 -9.93 -25.22
N ILE C 25 31.44 -11.22 -24.97
CA ILE C 25 32.08 -11.77 -23.77
C ILE C 25 33.56 -12.04 -24.03
N SER C 26 34.42 -11.50 -23.18
CA SER C 26 35.86 -11.68 -23.33
C SER C 26 36.30 -13.08 -22.92
N SER C 27 37.52 -13.43 -23.30
CA SER C 27 38.06 -14.74 -22.99
C SER C 27 38.24 -14.96 -21.49
N ASN C 28 38.40 -13.88 -20.73
CA ASN C 28 38.56 -14.05 -19.29
C ASN C 28 37.27 -13.87 -18.48
N SER C 29 36.14 -14.20 -19.10
CA SER C 29 34.85 -14.14 -18.41
C SER C 29 34.08 -12.85 -18.18
N VAL C 30 34.42 -11.74 -18.83
CA VAL C 30 33.65 -10.53 -18.59
C VAL C 30 32.73 -10.19 -19.77
N LEU C 31 31.58 -9.59 -19.44
CA LEU C 31 30.62 -9.18 -20.46
C LEU C 31 30.92 -7.74 -20.82
N GLU C 32 31.49 -7.53 -22.00
CA GLU C 32 31.81 -6.18 -22.44
C GLU C 32 30.69 -5.65 -23.31
N LEU C 33 29.89 -4.77 -22.73
CA LEU C 33 28.74 -4.19 -23.44
C LEU C 33 29.19 -3.35 -24.65
N THR C 34 30.21 -2.53 -24.46
CA THR C 34 30.70 -1.71 -25.55
C THR C 34 32.05 -2.18 -26.08
N LYS C 35 32.31 -1.86 -27.34
CA LYS C 35 33.53 -2.21 -28.06
C LYS C 35 34.84 -1.76 -27.39
N VAL C 36 35.76 -2.70 -27.24
CA VAL C 36 37.07 -2.41 -26.67
C VAL C 36 38.10 -3.21 -27.48
N VAL C 37 38.92 -2.51 -28.26
CA VAL C 37 39.92 -3.16 -29.09
C VAL C 37 41.34 -2.98 -28.55
N ASN C 38 42.03 -4.11 -28.37
CA ASN C 38 43.39 -4.10 -27.87
C ASN C 38 43.48 -3.31 -26.55
N GLY C 39 42.56 -3.61 -25.63
CA GLY C 39 42.53 -2.95 -24.34
C GLY C 39 42.12 -1.49 -24.35
N VAL C 40 41.68 -1.00 -25.50
CA VAL C 40 41.26 0.39 -25.63
C VAL C 40 39.79 0.48 -26.02
N PRO C 41 38.99 1.25 -25.27
CA PRO C 41 37.57 1.40 -25.59
C PRO C 41 37.41 2.39 -26.73
N THR C 42 36.47 2.14 -27.63
CA THR C 42 36.25 3.05 -28.75
C THR C 42 34.90 3.75 -28.66
N TRP C 43 34.79 4.86 -29.38
CA TRP C 43 33.56 5.65 -29.42
C TRP C 43 32.61 5.00 -30.41
N ASN C 44 31.47 5.63 -30.67
CA ASN C 44 30.49 5.10 -31.61
C ASN C 44 30.14 3.63 -31.35
N SER C 45 30.08 3.25 -30.08
CA SER C 45 29.74 1.89 -29.73
C SER C 45 28.46 1.77 -28.90
N THR C 46 27.70 0.70 -29.17
CA THR C 46 26.46 0.43 -28.46
C THR C 46 26.29 -1.08 -28.41
N GLY C 47 25.78 -1.59 -27.30
CA GLY C 47 25.56 -3.02 -27.15
C GLY C 47 24.62 -3.33 -26.00
N ARG C 48 23.91 -4.46 -26.10
CA ARG C 48 22.98 -4.89 -25.07
C ARG C 48 23.16 -6.37 -24.81
N ALA C 49 22.68 -6.80 -23.64
CA ALA C 49 22.75 -8.20 -23.22
C ALA C 49 21.43 -8.48 -22.51
N LEU C 50 20.64 -9.38 -23.06
CA LEU C 50 19.35 -9.73 -22.49
C LEU C 50 19.33 -11.17 -22.04
N TYR C 51 18.54 -11.45 -21.00
CA TYR C 51 18.40 -12.82 -20.54
C TYR C 51 17.52 -13.45 -21.62
N ALA C 52 17.98 -14.56 -22.19
CA ALA C 52 17.26 -15.24 -23.26
C ALA C 52 15.76 -15.48 -23.05
N LYS C 53 15.36 -15.85 -21.83
CA LYS C 53 13.97 -16.13 -21.55
C LYS C 53 13.23 -14.91 -21.01
N PRO C 54 11.93 -14.80 -21.32
CA PRO C 54 11.13 -13.67 -20.84
C PRO C 54 10.69 -13.96 -19.40
N VAL C 55 10.47 -12.91 -18.63
CA VAL C 55 10.04 -13.06 -17.25
C VAL C 55 8.68 -12.37 -17.09
N GLN C 56 7.81 -12.98 -16.28
CA GLN C 56 6.48 -12.42 -16.06
C GLN C 56 6.49 -11.50 -14.85
N VAL C 57 6.32 -10.20 -15.10
CA VAL C 57 6.32 -9.23 -14.02
C VAL C 57 4.93 -9.05 -13.40
N TRP C 58 3.89 -9.41 -14.14
CA TRP C 58 2.53 -9.33 -13.61
C TRP C 58 1.57 -10.22 -14.37
N ASP C 59 0.45 -10.53 -13.72
CA ASP C 59 -0.57 -11.41 -14.27
C ASP C 59 -1.91 -10.69 -14.37
N SER C 60 -2.42 -10.52 -15.59
CA SER C 60 -3.70 -9.82 -15.78
C SER C 60 -4.89 -10.55 -15.17
N THR C 61 -4.78 -11.87 -15.03
CA THR C 61 -5.88 -12.63 -14.46
C THR C 61 -6.07 -12.34 -12.97
N THR C 62 -4.98 -12.28 -12.22
CA THR C 62 -5.06 -12.01 -10.79
C THR C 62 -4.78 -10.55 -10.44
N GLY C 63 -4.17 -9.83 -11.37
CA GLY C 63 -3.85 -8.44 -11.13
C GLY C 63 -2.58 -8.32 -10.31
N ASN C 64 -2.05 -9.46 -9.88
CA ASN C 64 -0.84 -9.50 -9.07
C ASN C 64 0.42 -9.09 -9.83
N VAL C 65 1.27 -8.30 -9.18
CA VAL C 65 2.51 -7.88 -9.79
C VAL C 65 3.65 -8.51 -9.01
N ALA C 66 4.75 -8.82 -9.71
CA ALA C 66 5.88 -9.47 -9.08
C ALA C 66 6.82 -8.56 -8.33
N SER C 67 7.57 -9.15 -7.42
CA SER C 67 8.59 -8.46 -6.65
C SER C 67 9.87 -9.10 -7.16
N PHE C 68 10.97 -8.35 -7.18
CA PHE C 68 12.20 -8.95 -7.66
C PHE C 68 13.44 -8.27 -7.10
N GLU C 69 14.54 -9.00 -7.15
CA GLU C 69 15.81 -8.49 -6.67
C GLU C 69 16.88 -8.90 -7.66
N THR C 70 17.78 -7.97 -7.94
CA THR C 70 18.88 -8.29 -8.84
C THR C 70 20.15 -7.62 -8.35
N ARG C 71 21.24 -8.38 -8.41
CA ARG C 71 22.54 -7.90 -8.00
C ARG C 71 23.51 -8.14 -9.14
N PHE C 72 24.42 -7.19 -9.34
CA PHE C 72 25.43 -7.36 -10.38
C PHE C 72 26.62 -6.47 -10.08
N SER C 73 27.75 -6.81 -10.69
CA SER C 73 28.96 -6.03 -10.51
C SER C 73 29.40 -5.55 -11.87
N PHE C 74 29.87 -4.31 -11.92
CA PHE C 74 30.32 -3.78 -13.18
C PHE C 74 31.57 -2.99 -12.95
N SER C 75 32.22 -2.64 -14.04
CA SER C 75 33.43 -1.85 -13.97
C SER C 75 33.45 -0.89 -15.16
N ILE C 76 33.78 0.35 -14.89
CA ILE C 76 33.85 1.34 -15.94
C ILE C 76 35.22 1.99 -15.85
N ARG C 77 36.05 1.78 -16.87
CA ARG C 77 37.36 2.40 -16.85
C ARG C 77 37.34 3.57 -17.84
N GLN C 78 37.77 4.73 -17.37
CA GLN C 78 37.83 5.95 -18.18
C GLN C 78 39.32 6.26 -18.43
N PRO C 79 39.87 5.71 -19.53
CA PRO C 79 41.26 5.90 -19.92
C PRO C 79 41.54 7.33 -20.34
N PHE C 80 40.52 7.99 -20.90
CA PHE C 80 40.67 9.35 -21.37
C PHE C 80 39.88 10.37 -20.55
N PRO C 81 40.47 10.82 -19.44
CA PRO C 81 39.77 11.80 -18.61
C PRO C 81 39.18 12.97 -19.39
N ARG C 82 39.94 13.50 -20.35
CA ARG C 82 39.46 14.63 -21.15
C ARG C 82 39.23 14.23 -22.60
N PRO C 83 38.30 14.92 -23.28
CA PRO C 83 37.51 16.03 -22.73
C PRO C 83 36.33 15.56 -21.87
N HIS C 84 35.80 14.38 -22.16
CA HIS C 84 34.67 13.89 -21.41
C HIS C 84 34.27 12.45 -21.74
N PRO C 85 34.28 11.55 -20.73
CA PRO C 85 33.91 10.14 -20.96
C PRO C 85 32.42 10.03 -21.34
N ALA C 86 32.02 8.88 -21.85
CA ALA C 86 30.62 8.68 -22.28
C ALA C 86 30.37 7.25 -22.70
N ASP C 87 29.13 6.77 -22.57
CA ASP C 87 28.01 7.56 -22.04
C ASP C 87 27.48 7.00 -20.73
N GLY C 88 27.74 5.71 -20.50
CA GLY C 88 27.28 5.07 -19.28
C GLY C 88 26.57 3.78 -19.59
N LEU C 89 26.04 3.12 -18.56
CA LEU C 89 25.33 1.86 -18.76
C LEU C 89 24.04 1.84 -17.96
N VAL C 90 23.14 0.93 -18.31
CA VAL C 90 21.88 0.82 -17.62
C VAL C 90 21.43 -0.63 -17.51
N PHE C 91 20.60 -0.88 -16.50
CA PHE C 91 20.00 -2.18 -16.31
C PHE C 91 18.57 -1.79 -16.70
N PHE C 92 17.93 -2.60 -17.53
CA PHE C 92 16.58 -2.23 -17.93
C PHE C 92 15.63 -3.39 -18.06
N ILE C 93 14.35 -3.05 -18.14
CA ILE C 93 13.27 -3.99 -18.31
C ILE C 93 12.44 -3.42 -19.46
N ALA C 94 12.19 -4.24 -20.47
CA ALA C 94 11.44 -3.80 -21.64
C ALA C 94 10.62 -4.94 -22.21
N PRO C 95 9.75 -4.64 -23.20
CA PRO C 95 8.93 -5.71 -23.80
C PRO C 95 9.89 -6.69 -24.47
N PRO C 96 9.44 -7.94 -24.69
CA PRO C 96 10.35 -8.89 -25.34
C PRO C 96 10.54 -8.61 -26.83
N ASN C 97 11.65 -9.10 -27.37
CA ASN C 97 12.00 -8.95 -28.79
C ASN C 97 12.12 -7.51 -29.26
N THR C 98 12.89 -6.70 -28.56
CA THR C 98 13.09 -5.32 -28.98
C THR C 98 14.48 -5.21 -29.59
N GLN C 99 14.70 -4.16 -30.39
CA GLN C 99 15.99 -3.95 -31.04
C GLN C 99 16.75 -2.85 -30.31
N THR C 100 18.06 -2.86 -30.43
CA THR C 100 18.88 -1.83 -29.81
C THR C 100 18.42 -0.47 -30.29
N GLY C 101 18.27 0.46 -29.35
CA GLY C 101 17.84 1.80 -29.71
C GLY C 101 19.01 2.65 -30.14
N GLU C 102 18.85 3.96 -30.02
CA GLU C 102 19.90 4.92 -30.39
C GLU C 102 21.01 4.88 -29.34
N GLY C 103 22.25 5.07 -29.79
CA GLY C 103 23.37 5.06 -28.88
C GLY C 103 23.52 6.37 -28.12
N GLY C 104 24.76 6.75 -27.83
CA GLY C 104 24.98 8.00 -27.12
C GLY C 104 24.21 8.08 -25.80
N GLY C 105 23.70 9.27 -25.50
CA GLY C 105 22.97 9.50 -24.27
C GLY C 105 21.71 8.66 -24.11
N TYR C 106 21.34 7.90 -25.15
CA TYR C 106 20.15 7.08 -25.09
C TYR C 106 20.46 5.66 -24.65
N PHE C 107 21.73 5.38 -24.43
CA PHE C 107 22.20 4.07 -23.97
C PHE C 107 21.82 2.87 -24.83
N GLY C 108 21.15 3.12 -25.94
CA GLY C 108 20.74 2.01 -26.79
C GLY C 108 19.41 1.40 -26.39
N ILE C 109 18.66 2.06 -25.51
CA ILE C 109 17.36 1.56 -25.08
C ILE C 109 16.20 2.43 -25.55
N TYR C 110 16.52 3.62 -26.03
CA TYR C 110 15.49 4.53 -26.50
C TYR C 110 15.57 4.69 -28.02
N ASN C 111 14.42 4.57 -28.67
CA ASN C 111 14.33 4.71 -30.12
C ASN C 111 13.20 5.67 -30.46
N PRO C 112 13.55 6.93 -30.77
CA PRO C 112 12.54 7.93 -31.12
C PRO C 112 11.71 7.56 -32.36
N LEU C 113 12.23 6.64 -33.16
CA LEU C 113 11.54 6.22 -34.38
C LEU C 113 10.43 5.22 -34.14
N SER C 114 10.49 4.51 -33.01
CA SER C 114 9.48 3.53 -32.65
C SER C 114 9.62 3.25 -31.16
N PRO C 115 9.29 4.23 -30.28
CA PRO C 115 9.41 4.08 -28.83
C PRO C 115 8.65 2.92 -28.20
N TYR C 116 9.34 2.18 -27.34
CA TYR C 116 8.73 1.07 -26.63
C TYR C 116 8.91 1.39 -25.15
N PRO C 117 7.94 1.01 -24.31
CA PRO C 117 8.02 1.29 -22.88
C PRO C 117 9.19 0.58 -22.20
N PHE C 118 9.67 1.15 -21.10
CA PHE C 118 10.76 0.53 -20.37
C PHE C 118 11.02 1.20 -19.03
N VAL C 119 11.57 0.43 -18.09
CA VAL C 119 11.95 0.92 -16.78
C VAL C 119 13.45 0.63 -16.76
N ALA C 120 14.24 1.61 -16.37
CA ALA C 120 15.69 1.40 -16.33
C ALA C 120 16.38 2.12 -15.18
N VAL C 121 17.51 1.57 -14.77
CA VAL C 121 18.33 2.15 -13.72
C VAL C 121 19.61 2.51 -14.46
N GLU C 122 19.93 3.79 -14.50
CA GLU C 122 21.11 4.22 -15.23
C GLU C 122 22.28 4.68 -14.37
N PHE C 123 23.47 4.55 -14.95
CA PHE C 123 24.70 4.98 -14.32
C PHE C 123 25.27 5.83 -15.45
N ASP C 124 24.82 7.08 -15.45
CA ASP C 124 25.17 8.06 -16.47
C ASP C 124 26.48 8.76 -16.19
N THR C 125 27.36 8.75 -17.19
CA THR C 125 28.67 9.36 -17.06
C THR C 125 28.87 10.61 -17.91
N PHE C 126 27.93 10.88 -18.82
CA PHE C 126 28.02 12.05 -19.68
C PHE C 126 26.83 12.96 -19.45
N ARG C 127 27.08 14.26 -19.30
CA ARG C 127 26.00 15.20 -19.07
C ARG C 127 25.34 15.73 -20.33
N ASN C 128 24.15 15.20 -20.64
CA ASN C 128 23.40 15.65 -21.81
C ASN C 128 22.61 16.90 -21.38
N THR C 129 21.95 17.55 -22.33
CA THR C 129 21.19 18.76 -22.03
C THR C 129 20.12 18.53 -20.96
N TRP C 130 19.65 17.29 -20.87
CA TRP C 130 18.61 16.93 -19.90
C TRP C 130 19.14 16.34 -18.59
N ASP C 131 20.47 16.34 -18.44
CA ASP C 131 21.08 15.76 -17.25
C ASP C 131 21.61 16.73 -16.22
N PRO C 132 21.65 16.26 -14.95
CA PRO C 132 22.16 17.05 -13.83
C PRO C 132 23.64 16.68 -13.84
N GLN C 133 24.43 17.16 -12.89
CA GLN C 133 25.85 16.82 -12.86
C GLN C 133 26.05 15.31 -12.94
N ILE C 134 27.18 14.90 -13.51
CA ILE C 134 27.52 13.48 -13.60
C ILE C 134 28.80 13.22 -12.82
N PRO C 135 29.06 11.96 -12.48
CA PRO C 135 28.21 10.81 -12.79
C PRO C 135 27.00 10.80 -11.86
N HIS C 136 25.95 10.08 -12.23
CA HIS C 136 24.78 10.00 -11.36
C HIS C 136 24.00 8.75 -11.63
N ILE C 137 23.22 8.33 -10.65
CA ILE C 137 22.37 7.17 -10.80
C ILE C 137 21.02 7.80 -11.08
N GLY C 138 20.24 7.17 -11.95
CA GLY C 138 18.94 7.73 -12.25
C GLY C 138 17.93 6.62 -12.48
N ILE C 139 16.67 6.90 -12.17
CA ILE C 139 15.61 5.94 -12.39
C ILE C 139 14.82 6.48 -13.58
N ASP C 140 14.80 5.70 -14.65
CA ASP C 140 14.12 6.10 -15.87
C ASP C 140 12.89 5.28 -16.20
N VAL C 141 11.80 5.97 -16.52
CA VAL C 141 10.56 5.31 -16.90
C VAL C 141 10.15 5.87 -18.27
N ASN C 142 10.25 5.03 -19.30
CA ASN C 142 9.90 5.41 -20.68
C ASN C 142 10.71 6.54 -21.26
N SER C 143 11.67 7.04 -20.50
CA SER C 143 12.48 8.14 -20.98
C SER C 143 13.82 8.13 -20.27
N VAL C 144 14.80 8.83 -20.84
CA VAL C 144 16.12 8.89 -20.24
C VAL C 144 16.18 10.16 -19.40
N ILE C 145 15.04 10.82 -19.24
CA ILE C 145 14.95 12.02 -18.40
C ILE C 145 14.46 11.46 -17.07
N SER C 146 15.43 11.04 -16.25
CA SER C 146 15.16 10.41 -14.95
C SER C 146 14.12 11.08 -14.07
N THR C 147 13.34 10.26 -13.40
CA THR C 147 12.32 10.76 -12.48
C THR C 147 13.06 11.16 -11.21
N LYS C 148 14.13 10.43 -10.91
CA LYS C 148 14.94 10.69 -9.71
C LYS C 148 16.40 10.48 -10.06
N THR C 149 17.26 11.27 -9.43
CA THR C 149 18.70 11.21 -9.68
C THR C 149 19.51 11.43 -8.42
N VAL C 150 20.69 10.82 -8.35
CA VAL C 150 21.58 11.00 -7.21
C VAL C 150 23.01 10.95 -7.75
N PRO C 151 23.86 11.89 -7.32
CA PRO C 151 25.24 11.91 -7.80
C PRO C 151 26.13 10.88 -7.11
N PHE C 152 27.17 10.43 -7.79
CA PHE C 152 28.11 9.50 -7.20
C PHE C 152 29.49 9.72 -7.81
N THR C 153 30.52 9.28 -7.09
CA THR C 153 31.87 9.42 -7.59
C THR C 153 32.33 8.03 -8.00
N LEU C 154 32.76 7.92 -9.26
CA LEU C 154 33.17 6.63 -9.78
C LEU C 154 34.56 6.18 -9.30
N ASP C 155 34.71 4.86 -9.20
CA ASP C 155 36.00 4.30 -8.83
C ASP C 155 36.50 3.84 -10.20
N ASN C 156 37.27 4.70 -10.85
CA ASN C 156 37.79 4.43 -12.18
C ASN C 156 38.48 3.07 -12.26
N GLY C 157 37.92 2.18 -13.06
CA GLY C 157 38.50 0.85 -13.21
C GLY C 157 38.23 -0.07 -12.05
N GLY C 158 37.65 0.48 -10.97
CA GLY C 158 37.34 -0.32 -9.80
C GLY C 158 36.08 -1.15 -10.00
N ILE C 159 35.73 -1.95 -9.00
CA ILE C 159 34.54 -2.80 -9.06
C ILE C 159 33.39 -2.15 -8.32
N ALA C 160 32.20 -2.24 -8.89
CA ALA C 160 31.02 -1.67 -8.26
C ALA C 160 29.98 -2.76 -8.03
N ASN C 161 29.40 -2.77 -6.83
CA ASN C 161 28.36 -3.74 -6.50
C ASN C 161 27.05 -3.00 -6.49
N VAL C 162 26.08 -3.54 -7.21
CA VAL C 162 24.77 -2.93 -7.30
C VAL C 162 23.67 -3.89 -6.84
N VAL C 163 22.70 -3.35 -6.11
CA VAL C 163 21.57 -4.15 -5.66
C VAL C 163 20.32 -3.38 -6.07
N ILE C 164 19.45 -4.03 -6.83
CA ILE C 164 18.21 -3.40 -7.25
C ILE C 164 17.08 -4.25 -6.73
N LYS C 165 16.19 -3.64 -5.96
CA LYS C 165 15.08 -4.37 -5.38
C LYS C 165 13.77 -3.69 -5.68
N TYR C 166 12.76 -4.48 -5.98
CA TYR C 166 11.43 -3.95 -6.25
C TYR C 166 10.39 -4.69 -5.41
N ASP C 167 9.66 -3.95 -4.58
CA ASP C 167 8.63 -4.52 -3.74
C ASP C 167 7.24 -4.17 -4.32
N ALA C 168 6.53 -5.18 -4.81
CA ALA C 168 5.22 -4.95 -5.41
C ALA C 168 4.19 -4.35 -4.46
N SER C 169 4.22 -4.74 -3.19
CA SER C 169 3.26 -4.20 -2.24
C SER C 169 3.38 -2.69 -2.05
N THR C 170 4.59 -2.16 -2.05
CA THR C 170 4.74 -0.72 -1.87
C THR C 170 5.06 -0.01 -3.17
N LYS C 171 5.39 -0.78 -4.21
CA LYS C 171 5.74 -0.22 -5.51
C LYS C 171 7.03 0.58 -5.44
N ILE C 172 7.87 0.27 -4.45
CA ILE C 172 9.14 0.96 -4.31
C ILE C 172 10.30 0.26 -5.02
N LEU C 173 10.98 1.01 -5.88
CA LEU C 173 12.13 0.49 -6.58
C LEU C 173 13.31 1.14 -5.88
N HIS C 174 14.12 0.35 -5.19
CA HIS C 174 15.29 0.95 -4.54
C HIS C 174 16.57 0.31 -5.01
N VAL C 175 17.56 1.17 -5.27
CA VAL C 175 18.84 0.69 -5.76
C VAL C 175 19.95 1.17 -4.85
N VAL C 176 20.96 0.32 -4.71
CA VAL C 176 22.13 0.61 -3.90
C VAL C 176 23.37 0.42 -4.74
N LEU C 177 24.31 1.34 -4.62
CA LEU C 177 25.56 1.29 -5.35
C LEU C 177 26.68 1.34 -4.33
N VAL C 178 27.57 0.36 -4.39
CA VAL C 178 28.68 0.30 -3.45
C VAL C 178 30.00 0.05 -4.19
N PHE C 179 31.00 0.84 -3.83
CA PHE C 179 32.35 0.73 -4.38
C PHE C 179 33.17 0.20 -3.19
N PRO C 180 33.33 -1.12 -3.09
CA PRO C 180 34.09 -1.75 -1.99
C PRO C 180 35.49 -1.21 -1.72
N SER C 181 36.23 -0.82 -2.76
CA SER C 181 37.59 -0.30 -2.54
C SER C 181 37.58 1.08 -1.86
N LEU C 182 36.52 1.84 -2.09
CA LEU C 182 36.42 3.17 -1.50
C LEU C 182 35.52 3.19 -0.27
N GLY C 183 34.71 2.15 -0.11
CA GLY C 183 33.81 2.08 1.03
C GLY C 183 32.64 3.03 0.90
N THR C 184 32.46 3.63 -0.27
CA THR C 184 31.36 4.56 -0.48
C THR C 184 30.04 3.86 -0.82
N ILE C 185 28.94 4.43 -0.34
CA ILE C 185 27.61 3.88 -0.55
C ILE C 185 26.62 4.92 -1.03
N TYR C 186 25.92 4.61 -2.11
CA TYR C 186 24.94 5.54 -2.66
C TYR C 186 23.61 4.82 -2.77
N THR C 187 22.55 5.52 -2.40
CA THR C 187 21.23 4.93 -2.44
C THR C 187 20.21 5.86 -3.09
N ILE C 188 19.29 5.27 -3.82
CA ILE C 188 18.23 6.03 -4.48
C ILE C 188 16.97 5.16 -4.58
N ALA C 189 15.81 5.77 -4.44
CA ALA C 189 14.57 5.02 -4.52
C ALA C 189 13.46 5.86 -5.10
N ASP C 190 12.45 5.18 -5.63
CA ASP C 190 11.31 5.89 -6.20
C ASP C 190 10.14 4.93 -6.35
N ILE C 191 8.96 5.49 -6.56
CA ILE C 191 7.75 4.68 -6.71
C ILE C 191 7.49 4.47 -8.18
N VAL C 192 7.39 3.21 -8.58
CA VAL C 192 7.14 2.85 -9.97
C VAL C 192 6.11 1.73 -10.02
N ASP C 193 5.08 1.91 -10.86
CA ASP C 193 4.04 0.90 -11.00
C ASP C 193 4.28 0.17 -12.30
N LEU C 194 4.97 -0.97 -12.21
CA LEU C 194 5.28 -1.75 -13.40
C LEU C 194 4.06 -2.12 -14.23
N LYS C 195 3.00 -2.52 -13.52
CA LYS C 195 1.73 -2.93 -14.12
C LYS C 195 1.18 -1.87 -15.05
N GLN C 196 1.48 -0.62 -14.74
CA GLN C 196 1.01 0.54 -15.49
C GLN C 196 1.89 0.90 -16.68
N VAL C 197 3.14 0.43 -16.69
CA VAL C 197 4.06 0.77 -17.77
C VAL C 197 4.47 -0.38 -18.68
N LEU C 198 4.57 -1.57 -18.11
CA LEU C 198 5.01 -2.73 -18.86
C LEU C 198 3.98 -3.82 -19.08
N PRO C 199 4.20 -4.66 -20.10
CA PRO C 199 3.30 -5.76 -20.43
C PRO C 199 3.57 -6.89 -19.44
N GLU C 200 2.73 -7.92 -19.43
CA GLU C 200 2.91 -9.03 -18.50
C GLU C 200 4.26 -9.75 -18.60
N SER C 201 4.77 -9.88 -19.83
CA SER C 201 6.06 -10.54 -20.03
C SER C 201 7.09 -9.55 -20.55
N VAL C 202 8.28 -9.61 -19.98
CA VAL C 202 9.36 -8.70 -20.38
C VAL C 202 10.72 -9.38 -20.45
N ASN C 203 11.71 -8.63 -20.92
CA ASN C 203 13.08 -9.12 -20.98
C ASN C 203 13.82 -8.23 -20.01
N VAL C 204 14.85 -8.77 -19.36
CA VAL C 204 15.66 -7.99 -18.44
C VAL C 204 17.09 -8.06 -18.94
N GLY C 205 17.85 -6.99 -18.76
CA GLY C 205 19.22 -7.01 -19.22
C GLY C 205 19.97 -5.70 -19.05
N PHE C 206 21.10 -5.60 -19.75
CA PHE C 206 21.91 -4.38 -19.68
C PHE C 206 22.12 -3.77 -21.05
N SER C 207 22.55 -2.53 -21.05
CA SER C 207 22.78 -1.81 -22.28
C SER C 207 23.70 -0.66 -21.96
N ALA C 208 24.62 -0.38 -22.87
CA ALA C 208 25.57 0.69 -22.67
C ALA C 208 25.92 1.35 -24.00
N ALA C 209 26.58 2.50 -23.94
CA ALA C 209 26.98 3.19 -25.15
C ALA C 209 28.16 4.11 -24.87
N THR C 210 28.96 4.34 -25.90
CA THR C 210 30.10 5.24 -25.79
C THR C 210 29.77 6.47 -26.62
N GLY C 211 30.66 7.46 -26.61
CA GLY C 211 30.44 8.69 -27.36
C GLY C 211 29.89 8.52 -28.76
N ASP C 212 28.94 9.38 -29.12
CA ASP C 212 28.32 9.38 -30.43
C ASP C 212 29.20 10.22 -31.37
N PRO C 213 29.33 9.82 -32.64
CA PRO C 213 30.15 10.55 -33.62
C PRO C 213 29.81 12.04 -33.69
N SER C 214 28.53 12.36 -33.51
CA SER C 214 28.06 13.74 -33.56
C SER C 214 28.80 14.66 -32.59
N GLY C 215 29.40 14.08 -31.56
CA GLY C 215 30.13 14.86 -30.58
C GLY C 215 31.53 15.21 -31.06
N LYS C 216 31.96 14.54 -32.12
CA LYS C 216 33.27 14.79 -32.72
C LYS C 216 34.43 14.65 -31.73
N GLN C 217 34.32 13.70 -30.80
CA GLN C 217 35.35 13.46 -29.80
C GLN C 217 35.55 11.95 -29.64
N ARG C 218 36.68 11.46 -30.14
CA ARG C 218 36.99 10.04 -30.06
C ARG C 218 37.31 9.61 -28.62
N ASN C 219 37.72 10.56 -27.80
CA ASN C 219 38.05 10.28 -26.41
C ASN C 219 36.79 10.07 -25.55
N ALA C 220 35.64 10.45 -26.11
CA ALA C 220 34.36 10.30 -25.42
C ALA C 220 34.02 8.82 -25.35
N THR C 221 34.71 8.09 -24.48
CA THR C 221 34.44 6.67 -24.36
C THR C 221 34.96 6.12 -23.04
N GLU C 222 34.66 4.85 -22.79
CA GLU C 222 35.05 4.18 -21.55
C GLU C 222 34.59 2.74 -21.69
N THR C 223 34.93 1.89 -20.72
CA THR C 223 34.49 0.51 -20.76
C THR C 223 33.17 0.39 -20.00
N HIS C 224 32.41 -0.67 -20.30
CA HIS C 224 31.14 -0.91 -19.62
C HIS C 224 31.06 -2.43 -19.44
N ASP C 225 31.82 -2.95 -18.48
CA ASP C 225 31.87 -4.38 -18.23
C ASP C 225 31.02 -4.88 -17.07
N ILE C 226 30.38 -6.02 -17.27
CA ILE C 226 29.54 -6.66 -16.25
C ILE C 226 30.30 -7.91 -15.81
N LEU C 227 30.63 -7.99 -14.52
CA LEU C 227 31.40 -9.11 -14.00
C LEU C 227 30.56 -10.29 -13.53
N SER C 228 29.38 -10.03 -12.97
CA SER C 228 28.50 -11.10 -12.49
C SER C 228 27.06 -10.58 -12.45
N TRP C 229 26.09 -11.48 -12.34
CA TRP C 229 24.71 -11.05 -12.34
C TRP C 229 23.76 -12.13 -11.87
N SER C 230 23.01 -11.82 -10.81
CA SER C 230 22.01 -12.76 -10.29
C SER C 230 20.67 -12.06 -10.35
N PHE C 231 19.61 -12.83 -10.56
CA PHE C 231 18.27 -12.24 -10.66
C PHE C 231 17.20 -13.18 -10.13
N SER C 232 16.32 -12.66 -9.28
CA SER C 232 15.24 -13.47 -8.72
C SER C 232 13.93 -12.69 -8.77
N ALA C 233 12.83 -13.39 -9.07
CA ALA C 233 11.53 -12.77 -9.13
C ALA C 233 10.44 -13.71 -8.61
N SER C 234 9.42 -13.15 -7.96
CA SER C 234 8.32 -13.94 -7.44
C SER C 234 6.97 -13.31 -7.78
N LEU C 235 6.15 -14.09 -8.45
CA LEU C 235 4.81 -13.65 -8.83
C LEU C 235 3.83 -14.51 -8.04
N PRO C 236 3.29 -13.98 -6.93
CA PRO C 236 2.33 -14.77 -6.13
C PRO C 236 1.18 -15.30 -6.97
N GLY C 237 1.03 -14.75 -8.17
CA GLY C 237 -0.01 -15.18 -9.09
C GLY C 237 0.56 -16.02 -10.24
N LYS D 1 15.48 26.43 6.75
CA LYS D 1 16.58 25.95 7.63
C LYS D 1 17.18 24.63 7.15
N THR D 2 18.42 24.37 7.56
CA THR D 2 19.13 23.13 7.21
C THR D 2 20.16 22.78 8.28
N ILE D 3 19.78 21.86 9.16
CA ILE D 3 20.65 21.41 10.24
C ILE D 3 21.50 20.22 9.83
N SER D 4 22.69 20.09 10.44
CA SER D 4 23.56 18.97 10.13
C SER D 4 24.65 18.84 11.21
N PHE D 5 25.05 17.61 11.47
CA PHE D 5 26.10 17.36 12.46
C PHE D 5 26.82 16.05 12.14
N ASN D 6 28.03 15.90 12.65
CA ASN D 6 28.84 14.71 12.40
C ASN D 6 29.61 14.29 13.65
N PHE D 7 29.89 12.99 13.76
CA PHE D 7 30.64 12.43 14.88
C PHE D 7 31.56 11.36 14.31
N ASN D 8 32.82 11.72 14.03
CA ASN D 8 33.77 10.75 13.49
C ASN D 8 33.99 9.67 14.54
N GLN D 9 33.85 10.10 15.79
CA GLN D 9 33.99 9.22 16.94
C GLN D 9 33.41 10.02 18.10
N PHE D 10 33.22 9.36 19.24
CA PHE D 10 32.63 10.04 20.39
C PHE D 10 33.67 10.22 21.49
N HIS D 11 33.54 11.30 22.24
CA HIS D 11 34.47 11.55 23.34
C HIS D 11 33.72 11.75 24.64
N GLN D 12 34.28 11.19 25.70
CA GLN D 12 33.69 11.30 27.03
C GLN D 12 33.39 12.77 27.29
N ASN D 13 32.25 13.02 27.92
CA ASN D 13 31.86 14.40 28.23
C ASN D 13 31.62 15.18 26.94
N GLU D 14 30.58 14.79 26.22
CA GLU D 14 30.20 15.43 24.96
C GLU D 14 28.93 16.26 25.24
N GLU D 15 29.03 17.56 24.94
CA GLU D 15 27.93 18.50 25.17
C GLU D 15 26.80 18.34 24.17
N GLN D 16 27.09 17.73 23.03
CA GLN D 16 26.12 17.54 21.96
C GLN D 16 25.20 16.32 22.14
N LEU D 17 25.57 15.44 23.06
CA LEU D 17 24.77 14.24 23.27
C LEU D 17 24.08 14.21 24.62
N LYS D 18 22.93 13.54 24.63
CA LYS D 18 22.15 13.39 25.83
C LYS D 18 22.13 11.89 26.09
N LEU D 19 22.91 11.45 27.07
CA LEU D 19 22.94 10.02 27.39
C LEU D 19 21.92 9.71 28.47
N GLN D 20 21.24 8.59 28.33
CA GLN D 20 20.23 8.19 29.30
C GLN D 20 20.46 6.76 29.75
N ARG D 21 20.09 6.49 31.00
CA ARG D 21 20.26 5.16 31.60
C ARG D 21 21.70 4.65 31.51
N ASP D 22 21.86 3.42 31.06
CA ASP D 22 23.17 2.79 30.94
C ASP D 22 24.11 3.30 29.85
N ALA D 23 23.62 4.22 29.03
CA ALA D 23 24.43 4.77 27.94
C ALA D 23 25.70 5.41 28.50
N ARG D 24 26.85 5.01 27.94
CA ARG D 24 28.15 5.53 28.35
C ARG D 24 29.17 5.49 27.23
N ILE D 25 29.94 6.58 27.10
CA ILE D 25 30.99 6.66 26.11
C ILE D 25 32.26 6.10 26.73
N SER D 26 32.86 5.10 26.08
CA SER D 26 34.07 4.48 26.60
C SER D 26 35.28 5.37 26.45
N SER D 27 36.35 4.98 27.14
CA SER D 27 37.60 5.74 27.11
C SER D 27 38.24 5.74 25.73
N ASN D 28 37.96 4.72 24.93
CA ASN D 28 38.54 4.66 23.60
C ASN D 28 37.64 5.25 22.50
N SER D 29 36.76 6.18 22.90
CA SER D 29 35.91 6.87 21.94
C SER D 29 34.62 6.28 21.38
N VAL D 30 34.20 5.09 21.82
CA VAL D 30 32.97 4.49 21.29
C VAL D 30 31.77 4.73 22.21
N LEU D 31 30.59 4.83 21.60
CA LEU D 31 29.35 5.05 22.35
C LEU D 31 28.75 3.68 22.65
N GLU D 32 28.83 3.25 23.91
CA GLU D 32 28.28 1.96 24.31
C GLU D 32 26.90 2.19 24.88
N LEU D 33 25.88 1.85 24.10
CA LEU D 33 24.49 2.02 24.50
C LEU D 33 24.13 1.16 25.70
N THR D 34 24.57 -0.09 25.68
CA THR D 34 24.27 -1.00 26.79
C THR D 34 25.51 -1.29 27.63
N LYS D 35 25.27 -1.62 28.90
CA LYS D 35 26.32 -1.90 29.88
C LYS D 35 27.28 -3.03 29.49
N VAL D 36 28.57 -2.75 29.63
CA VAL D 36 29.62 -3.72 29.35
C VAL D 36 30.70 -3.54 30.42
N VAL D 37 30.80 -4.52 31.32
CA VAL D 37 31.78 -4.46 32.41
C VAL D 37 32.97 -5.40 32.19
N ASN D 38 34.16 -4.82 32.24
CA ASN D 38 35.39 -5.57 32.05
C ASN D 38 35.35 -6.37 30.74
N GLY D 39 34.97 -5.68 29.66
CA GLY D 39 34.89 -6.31 28.35
C GLY D 39 33.76 -7.30 28.16
N VAL D 40 32.89 -7.44 29.15
CA VAL D 40 31.78 -8.37 29.03
C VAL D 40 30.43 -7.64 29.12
N PRO D 41 29.55 -7.88 28.14
CA PRO D 41 28.23 -7.24 28.15
C PRO D 41 27.32 -7.94 29.15
N THR D 42 26.46 -7.18 29.83
CA THR D 42 25.55 -7.76 30.81
C THR D 42 24.10 -7.64 30.37
N TRP D 43 23.25 -8.47 30.98
CA TRP D 43 21.83 -8.47 30.67
C TRP D 43 21.19 -7.34 31.47
N ASN D 44 19.87 -7.27 31.44
CA ASN D 44 19.11 -6.24 32.15
C ASN D 44 19.68 -4.84 31.93
N SER D 45 20.12 -4.57 30.69
CA SER D 45 20.66 -3.25 30.37
C SER D 45 19.87 -2.51 29.28
N THR D 46 19.75 -1.21 29.46
CA THR D 46 19.03 -0.35 28.53
C THR D 46 19.70 1.02 28.53
N GLY D 47 19.80 1.65 27.37
CA GLY D 47 20.42 2.95 27.27
C GLY D 47 20.09 3.65 25.97
N ARG D 48 20.10 4.97 25.98
CA ARG D 48 19.79 5.77 24.80
C ARG D 48 20.78 6.91 24.68
N ALA D 49 20.87 7.46 23.48
CA ALA D 49 21.76 8.58 23.22
C ALA D 49 21.01 9.46 22.24
N LEU D 50 20.70 10.69 22.66
CA LEU D 50 19.98 11.63 21.81
C LEU D 50 20.83 12.84 21.47
N TYR D 51 20.56 13.43 20.32
CA TYR D 51 21.27 14.63 19.91
C TYR D 51 20.65 15.70 20.83
N ALA D 52 21.49 16.44 21.55
CA ALA D 52 21.02 17.46 22.49
C ALA D 52 19.98 18.44 21.97
N LYS D 53 20.12 18.88 20.72
CA LYS D 53 19.19 19.83 20.16
C LYS D 53 18.06 19.18 19.37
N PRO D 54 16.88 19.78 19.39
CA PRO D 54 15.75 19.21 18.64
C PRO D 54 15.85 19.61 17.17
N VAL D 55 15.29 18.79 16.30
CA VAL D 55 15.32 19.07 14.87
C VAL D 55 13.89 19.22 14.37
N GLN D 56 13.68 20.13 13.43
CA GLN D 56 12.34 20.34 12.90
C GLN D 56 12.14 19.50 11.66
N VAL D 57 11.27 18.49 11.75
CA VAL D 57 11.02 17.63 10.60
C VAL D 57 9.92 18.17 9.70
N TRP D 58 9.11 19.08 10.23
CA TRP D 58 8.07 19.69 9.41
C TRP D 58 7.57 21.01 9.99
N ASP D 59 6.98 21.83 9.13
CA ASP D 59 6.46 23.14 9.50
C ASP D 59 4.97 23.25 9.22
N SER D 60 4.19 23.45 10.28
CA SER D 60 2.73 23.57 10.16
C SER D 60 2.30 24.77 9.33
N THR D 61 3.12 25.81 9.32
CA THR D 61 2.85 27.04 8.58
C THR D 61 2.80 26.77 7.07
N THR D 62 3.83 26.10 6.57
CA THR D 62 3.95 25.82 5.15
C THR D 62 3.47 24.42 4.78
N GLY D 63 3.37 23.55 5.77
CA GLY D 63 2.94 22.19 5.49
C GLY D 63 4.10 21.36 4.97
N ASN D 64 5.23 22.00 4.75
CA ASN D 64 6.44 21.35 4.25
C ASN D 64 7.06 20.39 5.25
N VAL D 65 7.49 19.24 4.74
CA VAL D 65 8.12 18.23 5.56
C VAL D 65 9.59 18.12 5.12
N ALA D 66 10.48 17.85 6.06
CA ALA D 66 11.90 17.77 5.75
C ALA D 66 12.34 16.44 5.19
N SER D 67 13.48 16.47 4.48
CA SER D 67 14.11 15.30 3.92
C SER D 67 15.37 15.18 4.77
N PHE D 68 15.89 13.97 4.95
CA PHE D 68 17.08 13.84 5.74
C PHE D 68 17.87 12.59 5.41
N GLU D 69 19.14 12.61 5.79
CA GLU D 69 20.02 11.49 5.55
C GLU D 69 20.87 11.31 6.79
N THR D 70 21.08 10.07 7.20
CA THR D 70 21.90 9.82 8.36
C THR D 70 22.71 8.55 8.13
N ARG D 71 23.98 8.61 8.48
CA ARG D 71 24.87 7.46 8.33
C ARG D 71 25.54 7.23 9.67
N PHE D 72 25.74 5.97 10.02
CA PHE D 72 26.40 5.65 11.25
C PHE D 72 26.96 4.23 11.19
N SER D 73 27.94 3.96 12.04
CA SER D 73 28.54 2.64 12.08
C SER D 73 28.36 2.08 13.47
N PHE D 74 28.05 0.79 13.54
CA PHE D 74 27.86 0.18 14.82
C PHE D 74 28.53 -1.17 14.83
N SER D 75 28.61 -1.75 16.00
CA SER D 75 29.19 -3.07 16.14
C SER D 75 28.44 -3.79 17.24
N ILE D 76 28.11 -5.05 16.97
CA ILE D 76 27.41 -5.85 17.93
C ILE D 76 28.21 -7.13 18.10
N ARG D 77 28.75 -7.33 19.30
CA ARG D 77 29.52 -8.53 19.56
C ARG D 77 28.66 -9.43 20.43
N GLN D 78 28.50 -10.67 19.98
CA GLN D 78 27.72 -11.66 20.71
C GLN D 78 28.68 -12.69 21.29
N PRO D 79 29.17 -12.44 22.51
CA PRO D 79 30.12 -13.29 23.26
C PRO D 79 29.60 -14.71 23.44
N PHE D 80 28.43 -14.81 24.04
CA PHE D 80 27.82 -16.10 24.31
C PHE D 80 26.83 -16.47 23.22
N PRO D 81 27.24 -17.39 22.33
CA PRO D 81 26.38 -17.84 21.22
C PRO D 81 25.11 -18.57 21.70
N ARG D 82 25.11 -18.99 22.96
CA ARG D 82 23.96 -19.69 23.53
C ARG D 82 23.58 -19.07 24.89
N PRO D 83 22.27 -19.08 25.22
CA PRO D 83 21.15 -19.62 24.45
C PRO D 83 20.71 -18.74 23.29
N HIS D 84 20.71 -17.42 23.54
CA HIS D 84 20.25 -16.48 22.53
C HIS D 84 20.64 -15.04 22.85
N PRO D 85 21.40 -14.39 21.93
CA PRO D 85 21.81 -12.99 22.14
C PRO D 85 20.56 -12.12 22.16
N ALA D 86 20.65 -10.89 22.69
CA ALA D 86 19.48 -9.99 22.76
C ALA D 86 19.89 -8.60 23.24
N ASP D 87 19.12 -7.56 22.89
CA ASP D 87 17.92 -7.65 22.06
C ASP D 87 18.10 -6.96 20.71
N GLY D 88 19.04 -6.02 20.64
CA GLY D 88 19.29 -5.31 19.41
C GLY D 88 19.30 -3.81 19.67
N LEU D 89 19.47 -3.02 18.61
CA LEU D 89 19.51 -1.58 18.75
C LEU D 89 18.67 -0.90 17.68
N VAL D 90 18.32 0.35 17.90
CA VAL D 90 17.51 1.09 16.93
C VAL D 90 17.94 2.53 16.84
N PHE D 91 17.63 3.13 15.70
CA PHE D 91 17.87 4.54 15.46
C PHE D 91 16.42 4.99 15.47
N PHE D 92 16.10 6.04 16.21
CA PHE D 92 14.71 6.46 16.24
C PHE D 92 14.50 7.97 16.25
N ILE D 93 13.25 8.34 16.00
CA ILE D 93 12.81 9.73 15.96
C ILE D 93 11.57 9.74 16.85
N ALA D 94 11.55 10.62 17.84
CA ALA D 94 10.43 10.72 18.76
C ALA D 94 10.21 12.15 19.22
N PRO D 95 9.11 12.39 19.95
CA PRO D 95 8.85 13.75 20.44
C PRO D 95 9.97 14.11 21.39
N PRO D 96 10.22 15.41 21.62
CA PRO D 96 11.30 15.76 22.54
C PRO D 96 10.91 15.53 24.01
N ASN D 97 11.88 15.38 24.89
CA ASN D 97 11.58 15.17 26.30
C ASN D 97 10.83 13.87 26.64
N THR D 98 11.12 12.78 25.93
CA THR D 98 10.47 11.50 26.25
C THR D 98 11.43 10.71 27.13
N GLN D 99 10.88 9.78 27.90
CA GLN D 99 11.69 8.96 28.81
C GLN D 99 11.92 7.58 28.23
N THR D 100 13.01 6.94 28.66
CA THR D 100 13.33 5.61 28.17
C THR D 100 12.13 4.69 28.42
N GLY D 101 11.77 3.91 27.40
CA GLY D 101 10.64 3.00 27.53
C GLY D 101 11.08 1.70 28.19
N GLU D 102 10.33 0.64 27.93
CA GLU D 102 10.62 -0.68 28.48
C GLU D 102 11.83 -1.26 27.76
N GLY D 103 12.64 -2.04 28.48
CA GLY D 103 13.81 -2.66 27.87
C GLY D 103 13.46 -3.91 27.08
N GLY D 104 14.36 -4.88 27.07
CA GLY D 104 14.12 -6.10 26.33
C GLY D 104 13.77 -5.87 24.87
N GLY D 105 12.83 -6.67 24.36
CA GLY D 105 12.42 -6.56 22.97
C GLY D 105 11.82 -5.22 22.58
N TYR D 106 11.62 -4.32 23.55
CA TYR D 106 11.06 -3.01 23.25
C TYR D 106 12.15 -1.96 23.02
N PHE D 107 13.41 -2.38 23.16
CA PHE D 107 14.57 -1.52 22.92
C PHE D 107 14.64 -0.25 23.74
N GLY D 108 13.69 -0.05 24.64
CA GLY D 108 13.71 1.16 25.44
C GLY D 108 13.03 2.34 24.77
N ILE D 109 12.29 2.10 23.68
CA ILE D 109 11.58 3.18 22.99
C ILE D 109 10.06 3.04 23.07
N TYR D 110 9.59 1.89 23.55
CA TYR D 110 8.16 1.69 23.65
C TYR D 110 7.72 1.43 25.09
N ASN D 111 6.51 1.83 25.40
CA ASN D 111 5.95 1.55 26.71
C ASN D 111 4.45 1.42 26.51
N PRO D 112 3.95 0.18 26.61
CA PRO D 112 2.53 -0.11 26.44
C PRO D 112 1.63 0.80 27.26
N LEU D 113 1.97 0.96 28.54
CA LEU D 113 1.20 1.78 29.45
C LEU D 113 1.18 3.28 29.11
N SER D 114 2.34 3.85 28.83
CA SER D 114 2.46 5.27 28.50
C SER D 114 3.19 5.41 27.17
N PRO D 115 2.44 5.35 26.05
CA PRO D 115 2.98 5.45 24.70
C PRO D 115 3.14 6.81 24.04
N TYR D 116 4.28 7.01 23.39
CA TYR D 116 4.52 8.23 22.64
C TYR D 116 4.84 7.76 21.22
N PRO D 117 4.45 8.54 20.20
CA PRO D 117 4.72 8.16 18.82
C PRO D 117 6.19 8.12 18.48
N PHE D 118 6.55 7.34 17.48
CA PHE D 118 7.93 7.26 17.07
C PHE D 118 8.10 6.46 15.78
N VAL D 119 9.19 6.75 15.07
CA VAL D 119 9.54 6.04 13.85
C VAL D 119 10.91 5.49 14.18
N ALA D 120 11.14 4.22 13.91
CA ALA D 120 12.44 3.62 14.22
C ALA D 120 12.89 2.59 13.20
N VAL D 121 14.21 2.42 13.11
CA VAL D 121 14.79 1.43 12.23
C VAL D 121 15.50 0.51 13.21
N GLU D 122 15.09 -0.74 13.23
CA GLU D 122 15.67 -1.67 14.18
C GLU D 122 16.57 -2.73 13.58
N PHE D 123 17.47 -3.22 14.42
CA PHE D 123 18.41 -4.27 14.07
C PHE D 123 18.16 -5.23 15.22
N ASP D 124 17.13 -6.05 15.03
CA ASP D 124 16.65 -7.01 16.01
C ASP D 124 17.44 -8.31 16.00
N THR D 125 17.92 -8.69 17.18
CA THR D 125 18.73 -9.90 17.34
C THR D 125 18.03 -11.01 18.11
N PHE D 126 16.92 -10.69 18.76
CA PHE D 126 16.17 -11.68 19.53
C PHE D 126 14.76 -11.84 18.98
N ARG D 127 14.33 -13.08 18.81
CA ARG D 127 13.00 -13.34 18.27
C ARG D 127 11.89 -13.36 19.31
N ASN D 128 11.13 -12.27 19.36
CA ASN D 128 10.00 -12.17 20.29
C ASN D 128 8.80 -12.82 19.61
N THR D 129 7.69 -12.99 20.34
CA THR D 129 6.50 -13.62 19.78
C THR D 129 5.99 -12.93 18.52
N TRP D 130 6.28 -11.64 18.39
CA TRP D 130 5.82 -10.86 17.25
C TRP D 130 6.87 -10.72 16.14
N ASP D 131 7.99 -11.42 16.31
CA ASP D 131 9.09 -11.34 15.34
C ASP D 131 9.25 -12.49 14.37
N PRO D 132 9.81 -12.19 13.19
CA PRO D 132 10.07 -13.20 12.15
C PRO D 132 11.48 -13.67 12.53
N GLN D 133 12.10 -14.54 11.76
CA GLN D 133 13.43 -15.01 12.13
C GLN D 133 14.40 -13.83 12.31
N ILE D 134 15.39 -14.03 13.18
CA ILE D 134 16.40 -13.00 13.45
C ILE D 134 17.75 -13.50 12.97
N PRO D 135 18.72 -12.59 12.77
CA PRO D 135 18.53 -11.15 12.97
C PRO D 135 17.75 -10.58 11.79
N HIS D 136 17.18 -9.39 11.96
CA HIS D 136 16.48 -8.75 10.86
C HIS D 136 16.45 -7.24 11.04
N ILE D 137 16.26 -6.55 9.92
CA ILE D 137 16.15 -5.12 9.96
C ILE D 137 14.65 -4.93 9.89
N GLY D 138 14.14 -3.94 10.61
CA GLY D 138 12.71 -3.68 10.57
C GLY D 138 12.42 -2.20 10.62
N ILE D 139 11.29 -1.82 10.02
CA ILE D 139 10.88 -0.43 10.04
C ILE D 139 9.69 -0.39 10.99
N ASP D 140 9.84 0.36 12.07
CA ASP D 140 8.79 0.46 13.07
C ASP D 140 8.14 1.83 13.17
N VAL D 141 6.81 1.82 13.21
CA VAL D 141 6.04 3.06 13.34
C VAL D 141 5.10 2.88 14.54
N ASN D 142 5.38 3.61 15.61
CA ASN D 142 4.60 3.56 16.84
C ASN D 142 4.54 2.20 17.51
N SER D 143 5.26 1.24 16.99
CA SER D 143 5.22 -0.08 17.54
C SER D 143 6.48 -0.83 17.15
N VAL D 144 6.78 -1.90 17.87
CA VAL D 144 7.94 -2.69 17.57
C VAL D 144 7.53 -3.86 16.70
N ILE D 145 6.29 -3.82 16.22
CA ILE D 145 5.76 -4.85 15.31
C ILE D 145 5.98 -4.22 13.93
N SER D 146 7.19 -4.39 13.40
CA SER D 146 7.59 -3.82 12.12
C SER D 146 6.59 -3.89 10.99
N THR D 147 6.55 -2.83 10.20
CA THR D 147 5.65 -2.78 9.05
C THR D 147 6.33 -3.59 7.95
N LYS D 148 7.66 -3.56 7.96
CA LYS D 148 8.44 -4.28 6.97
C LYS D 148 9.70 -4.84 7.62
N THR D 149 10.12 -6.02 7.21
CA THR D 149 11.33 -6.63 7.75
C THR D 149 12.13 -7.37 6.69
N VAL D 150 13.43 -7.48 6.93
CA VAL D 150 14.33 -8.17 6.02
C VAL D 150 15.39 -8.86 6.88
N PRO D 151 15.68 -10.14 6.59
CA PRO D 151 16.69 -10.83 7.37
C PRO D 151 18.11 -10.47 6.96
N PHE D 152 19.05 -10.60 7.89
CA PHE D 152 20.45 -10.32 7.60
C PHE D 152 21.33 -11.19 8.50
N THR D 153 22.55 -11.45 8.04
CA THR D 153 23.49 -12.25 8.82
C THR D 153 24.49 -11.28 9.44
N LEU D 154 24.61 -11.36 10.76
CA LEU D 154 25.50 -10.49 11.51
C LEU D 154 26.98 -10.82 11.36
N ASP D 155 27.82 -9.78 11.38
CA ASP D 155 29.25 -9.97 11.34
C ASP D 155 29.60 -9.78 12.82
N ASN D 156 29.61 -10.89 13.57
CA ASN D 156 29.91 -10.85 15.00
C ASN D 156 31.17 -10.04 15.33
N GLY D 157 30.98 -8.93 16.04
CA GLY D 157 32.11 -8.10 16.41
C GLY D 157 32.65 -7.25 15.27
N GLY D 158 32.15 -7.49 14.06
CA GLY D 158 32.59 -6.71 12.92
C GLY D 158 31.93 -5.34 12.88
N ILE D 159 32.31 -4.54 11.89
CA ILE D 159 31.75 -3.19 11.75
C ILE D 159 30.63 -3.19 10.71
N ALA D 160 29.57 -2.44 11.00
CA ALA D 160 28.44 -2.34 10.08
C ALA D 160 28.22 -0.89 9.70
N ASN D 161 28.04 -0.65 8.40
CA ASN D 161 27.78 0.70 7.92
C ASN D 161 26.32 0.77 7.55
N VAL D 162 25.63 1.77 8.06
CA VAL D 162 24.23 1.92 7.77
C VAL D 162 23.95 3.29 7.17
N VAL D 163 23.03 3.31 6.22
CA VAL D 163 22.63 4.54 5.57
C VAL D 163 21.11 4.60 5.63
N ILE D 164 20.57 5.66 6.23
CA ILE D 164 19.13 5.80 6.29
C ILE D 164 18.78 7.10 5.58
N LYS D 165 17.89 7.00 4.60
CA LYS D 165 17.50 8.15 3.80
C LYS D 165 15.98 8.30 3.77
N TYR D 166 15.51 9.53 3.86
CA TYR D 166 14.07 9.81 3.81
C TYR D 166 13.81 10.92 2.81
N ASP D 167 13.01 10.62 1.80
CA ASP D 167 12.64 11.60 0.77
C ASP D 167 11.20 12.07 1.04
N ALA D 168 11.05 13.34 1.40
CA ALA D 168 9.71 13.86 1.68
C ALA D 168 8.76 13.81 0.48
N SER D 169 9.30 14.05 -0.71
CA SER D 169 8.47 14.04 -1.92
C SER D 169 7.80 12.70 -2.18
N THR D 170 8.49 11.61 -1.93
CA THR D 170 7.92 10.29 -2.16
C THR D 170 7.50 9.59 -0.87
N LYS D 171 7.95 10.14 0.26
CA LYS D 171 7.64 9.59 1.57
C LYS D 171 8.29 8.21 1.73
N ILE D 172 9.36 7.96 0.98
CA ILE D 172 10.07 6.70 1.08
C ILE D 172 11.20 6.74 2.09
N LEU D 173 11.19 5.81 3.02
CA LEU D 173 12.26 5.70 4.00
C LEU D 173 13.03 4.46 3.54
N HIS D 174 14.28 4.64 3.11
CA HIS D 174 15.06 3.49 2.70
C HIS D 174 16.33 3.39 3.50
N VAL D 175 16.63 2.17 3.93
CA VAL D 175 17.79 1.90 4.73
C VAL D 175 18.67 0.84 4.09
N VAL D 176 19.99 1.05 4.21
CA VAL D 176 20.97 0.12 3.65
C VAL D 176 21.89 -0.30 4.77
N LEU D 177 22.21 -1.59 4.81
CA LEU D 177 23.09 -2.17 5.82
C LEU D 177 24.22 -2.86 5.07
N VAL D 178 25.46 -2.49 5.39
CA VAL D 178 26.61 -3.10 4.73
C VAL D 178 27.65 -3.53 5.75
N PHE D 179 28.14 -4.76 5.59
CA PHE D 179 29.19 -5.32 6.43
C PHE D 179 30.40 -5.39 5.52
N PRO D 180 31.27 -4.35 5.54
CA PRO D 180 32.47 -4.30 4.70
C PRO D 180 33.40 -5.52 4.71
N SER D 181 33.56 -6.17 5.86
CA SER D 181 34.42 -7.34 5.92
C SER D 181 33.84 -8.53 5.17
N LEU D 182 32.52 -8.60 5.10
CA LEU D 182 31.87 -9.71 4.42
C LEU D 182 31.43 -9.34 3.01
N GLY D 183 31.32 -8.04 2.75
CA GLY D 183 30.90 -7.59 1.44
C GLY D 183 29.41 -7.76 1.20
N THR D 184 28.68 -8.09 2.26
CA THR D 184 27.24 -8.30 2.17
C THR D 184 26.45 -6.99 2.24
N ILE D 185 25.36 -6.91 1.48
CA ILE D 185 24.53 -5.72 1.40
C ILE D 185 23.07 -6.07 1.59
N TYR D 186 22.40 -5.35 2.50
CA TYR D 186 20.99 -5.58 2.78
C TYR D 186 20.24 -4.27 2.61
N THR D 187 19.09 -4.33 1.94
CA THR D 187 18.32 -3.13 1.71
C THR D 187 16.84 -3.35 2.03
N ILE D 188 16.21 -2.31 2.57
CA ILE D 188 14.81 -2.37 2.92
C ILE D 188 14.22 -0.97 2.83
N ALA D 189 12.96 -0.87 2.42
CA ALA D 189 12.33 0.42 2.28
C ALA D 189 10.84 0.33 2.51
N ASP D 190 10.23 1.45 2.85
CA ASP D 190 8.80 1.49 3.07
C ASP D 190 8.34 2.93 3.03
N ILE D 191 7.02 3.12 2.88
CA ILE D 191 6.44 4.45 2.82
C ILE D 191 5.99 4.85 4.22
N VAL D 192 6.48 6.01 4.67
CA VAL D 192 6.16 6.53 5.99
C VAL D 192 5.86 8.01 5.90
N ASP D 193 4.74 8.42 6.46
CA ASP D 193 4.35 9.82 6.43
C ASP D 193 4.65 10.43 7.79
N LEU D 194 5.84 11.02 7.94
CA LEU D 194 6.27 11.63 9.18
C LEU D 194 5.26 12.63 9.74
N LYS D 195 4.76 13.49 8.87
CA LYS D 195 3.81 14.52 9.23
C LYS D 195 2.56 13.97 9.91
N GLN D 196 2.22 12.74 9.59
CA GLN D 196 1.03 12.10 10.16
C GLN D 196 1.30 11.37 11.46
N VAL D 197 2.57 11.12 11.78
CA VAL D 197 2.92 10.38 12.98
C VAL D 197 3.65 11.18 14.05
N LEU D 198 4.48 12.11 13.61
CA LEU D 198 5.29 12.91 14.52
C LEU D 198 4.97 14.39 14.57
N PRO D 199 5.35 15.04 15.68
CA PRO D 199 5.12 16.47 15.89
C PRO D 199 6.17 17.25 15.07
N GLU D 200 6.01 18.56 14.93
CA GLU D 200 6.95 19.37 14.16
C GLU D 200 8.41 19.24 14.60
N SER D 201 8.63 19.18 15.91
CA SER D 201 9.99 19.05 16.44
C SER D 201 10.19 17.71 17.11
N VAL D 202 11.34 17.10 16.86
CA VAL D 202 11.62 15.80 17.44
C VAL D 202 13.08 15.66 17.83
N ASN D 203 13.40 14.54 18.46
CA ASN D 203 14.76 14.22 18.86
C ASN D 203 15.13 13.00 18.02
N VAL D 204 16.39 12.88 17.68
CA VAL D 204 16.84 11.74 16.91
C VAL D 204 17.94 11.08 17.73
N GLY D 205 18.05 9.76 17.64
CA GLY D 205 19.07 9.08 18.41
C GLY D 205 19.03 7.56 18.32
N PHE D 206 19.74 6.91 19.24
CA PHE D 206 19.81 5.47 19.27
C PHE D 206 19.32 4.94 20.61
N SER D 207 19.01 3.65 20.63
CA SER D 207 18.56 2.98 21.83
C SER D 207 18.79 1.50 21.64
N ALA D 208 19.19 0.83 22.72
CA ALA D 208 19.47 -0.59 22.66
C ALA D 208 19.10 -1.23 23.99
N ALA D 209 19.06 -2.56 24.01
CA ALA D 209 18.71 -3.27 25.22
C ALA D 209 19.25 -4.70 25.17
N THR D 210 19.57 -5.25 26.33
CA THR D 210 20.05 -6.62 26.41
C THR D 210 18.95 -7.43 27.07
N GLY D 211 19.15 -8.74 27.18
CA GLY D 211 18.15 -9.61 27.77
C GLY D 211 17.45 -9.12 29.02
N ASP D 212 16.14 -9.32 29.08
CA ASP D 212 15.33 -8.92 30.23
C ASP D 212 15.40 -10.03 31.27
N PRO D 213 15.43 -9.67 32.57
CA PRO D 213 15.50 -10.67 33.65
C PRO D 213 14.42 -11.74 33.53
N SER D 214 13.24 -11.35 33.05
CA SER D 214 12.12 -12.27 32.91
C SER D 214 12.45 -13.49 32.04
N GLY D 215 13.52 -13.38 31.24
CA GLY D 215 13.93 -14.48 30.39
C GLY D 215 14.78 -15.49 31.15
N LYS D 216 15.22 -15.07 32.33
CA LYS D 216 16.04 -15.92 33.20
C LYS D 216 17.28 -16.50 32.52
N GLN D 217 17.89 -15.69 31.64
CA GLN D 217 19.09 -16.10 30.92
C GLN D 217 20.09 -14.94 30.93
N ARG D 218 21.16 -15.07 31.70
CA ARG D 218 22.16 -14.02 31.78
C ARG D 218 23.00 -13.95 30.50
N ASN D 219 23.03 -15.02 29.72
CA ASN D 219 23.78 -15.02 28.46
C ASN D 219 23.03 -14.26 27.38
N ALA D 220 21.77 -13.94 27.63
CA ALA D 220 20.95 -13.18 26.66
C ALA D 220 21.47 -11.75 26.61
N THR D 221 22.61 -11.55 25.98
CA THR D 221 23.20 -10.23 25.92
C THR D 221 24.20 -10.11 24.78
N GLU D 222 24.68 -8.89 24.56
CA GLU D 222 25.62 -8.60 23.49
C GLU D 222 25.97 -7.12 23.62
N THR D 223 26.92 -6.63 22.83
CA THR D 223 27.26 -5.23 22.88
C THR D 223 26.43 -4.48 21.82
N HIS D 224 26.30 -3.18 22.01
CA HIS D 224 25.56 -2.35 21.06
C HIS D 224 26.32 -1.03 20.98
N ASP D 225 27.45 -1.05 20.27
CA ASP D 225 28.30 0.14 20.14
C ASP D 225 28.11 0.94 18.85
N ILE D 226 28.14 2.26 18.99
CA ILE D 226 28.03 3.16 17.85
C ILE D 226 29.41 3.79 17.68
N LEU D 227 30.04 3.59 16.51
CA LEU D 227 31.36 4.14 16.27
C LEU D 227 31.41 5.55 15.69
N SER D 228 30.42 5.91 14.88
CA SER D 228 30.38 7.25 14.29
C SER D 228 28.94 7.56 13.87
N TRP D 229 28.65 8.83 13.63
CA TRP D 229 27.30 9.19 13.27
C TRP D 229 27.20 10.57 12.66
N SER D 230 26.67 10.65 11.44
CA SER D 230 26.47 11.94 10.78
C SER D 230 25.00 12.06 10.45
N PHE D 231 24.51 13.30 10.46
CA PHE D 231 23.10 13.54 10.22
C PHE D 231 22.90 14.83 9.44
N SER D 232 21.86 14.85 8.60
CA SER D 232 21.58 16.01 7.80
C SER D 232 20.12 16.09 7.36
N ALA D 233 19.48 17.21 7.64
CA ALA D 233 18.08 17.40 7.28
C ALA D 233 17.88 18.75 6.61
N SER D 234 16.92 18.83 5.71
CA SER D 234 16.62 20.05 4.98
C SER D 234 15.12 20.31 4.98
N LEU D 235 14.73 21.45 5.55
CA LEU D 235 13.33 21.83 5.60
C LEU D 235 13.13 23.15 4.85
N PRO D 236 12.73 23.08 3.57
CA PRO D 236 12.52 24.29 2.76
C PRO D 236 11.69 25.36 3.48
N GLY D 237 12.36 26.42 3.93
CA GLY D 237 11.70 27.51 4.65
C GLY D 237 12.06 27.55 6.13
#